data_7QNY
#
_entry.id   7QNY
#
_cell.length_a   72.762
_cell.length_b   72.762
_cell.length_c   416.202
_cell.angle_alpha   90.000
_cell.angle_beta   90.000
_cell.angle_gamma   120.000
#
_symmetry.space_group_name_H-M   'P 31 2 1'
#
loop_
_entity.id
_entity.type
_entity.pdbx_description
1 polymer 'COVOX-58 heavy chain'
2 polymer 'COVOX-58 light chain'
3 polymer 'Surface glycoprotein'
4 polymer 'COVOX-158 heavy chain'
5 polymer 'COVOX-158 light chain'
6 non-polymer GLYCEROL
7 non-polymer 2-acetamido-2-deoxy-beta-D-glucopyranose
8 non-polymer 'SODIUM ION'
#
loop_
_entity_poly.entity_id
_entity_poly.type
_entity_poly.pdbx_seq_one_letter_code
_entity_poly.pdbx_strand_id
1 'polypeptide(L)'
;QVQLVESGGGLVQPGRSLRLSCAASGFTFDDYAMHWVRQPPGKGLEWVSGVSWNSGTIGYADSVKGRFIISRDNAKNSLY
LQMNSLKAEDTALYYCAREVGGTFGVLISREGGLDYWGQGTLVTVSSASTKGPSVFPLAPSSKSTSGGTAALGCLVKDYF
PEPVTVSWNSGALTSGVHTFPAVLQSSGLYSLSSVVTVPSSSLGTQTYICNVNHKPSNTKVDKKVEPKSCDK
;
A
2 'polypeptide(L)'
;SYELTQPPSVSVAPGQTARITCGGNTIGSKSVHWYQQRPGQAPVLVVYDDSDRPSGIPERFSGSNSGNTATLTISRVEAG
DEADYYCQVWDSSSDRVVFGGGTKLTVLGQPKAAPTVTLFPPSSEELQANKATLVCLISDFYPGAVTVAWKADSSPVKAG
VETTTPSKQSNNKYAASSYLSLTPEQWKSHRSYSCQVTHEGSTVEKTVAPTECS
;
B
3 'polypeptide(L)'
;HHHHHHTNLCPFGEVFNATRFASVYAWNRKRISNCVADYSVLYNSASFSTFKCYGVSPTKLNDLCFTNVYADSFVIRGDE
VRQIAPGQTGKIADYNYKLPDDFTGCVIAWNSNNLDSKVGGNYNYLYRLFRKSNLKPFERDISTEIYQAGSTPCNGVEGF
NCYFPLQSYGFQPTNGVGYQPYRVVVLSFELLHAPATVCGKK
;
E
4 'polypeptide(L)'
;EVQLLESGGDLIQPGGSLRLSCAASGVTVSSNYMSWVRQAPGKGLEWVSIIYPGGSTFYADSVKGRFTISRDNSKNTLYL
QMHSLRAEDTAVYYCARDLGSGDMDVWGKGTTVTVSSASTKGPSVFPLAPSSKSTSGGTAALGCLVKDYFPEPVTVSWNS
GALTSGVHTFPAVLQSSGLYSLSSVVTVPSSSLGTQTYICNVNHKPSNTKVDKKVEPKSCDK
;
H
5 'polypeptide(L)'
;DIVMTQSPSFLSASVGDRVTITCRASQGISSYLAWYQQKPGKAPKLLIQAASTLQSGVPSRFSGSGSGTEFTLTISSLQP
EDFATYYCQQLNSYRYTFGQGTKVEIKRTVAAPSVFIFPPSDEQLKSGTASVVCLLNNFYPREAKVQWKVDNALQSGNSQ
ESVTEQDSKDSTYSLSSTLTLSKADYEKHKVYACEVTHQGLSSPVTKSFNRGEC
;
L
#
# COMPACT_ATOMS: atom_id res chain seq x y z
N GLN A 1 11.44 36.27 -15.70
CA GLN A 1 10.96 35.43 -16.79
C GLN A 1 11.17 33.95 -16.49
N VAL A 2 11.89 33.65 -15.41
CA VAL A 2 12.04 32.26 -15.00
C VAL A 2 11.79 32.14 -13.50
N GLN A 3 10.59 31.69 -13.13
CA GLN A 3 10.21 31.54 -11.72
C GLN A 3 9.56 30.18 -11.48
N LEU A 4 9.55 29.78 -10.21
CA LEU A 4 9.03 28.49 -9.76
C LEU A 4 8.14 28.72 -8.55
N VAL A 5 6.85 28.82 -8.78
CA VAL A 5 5.88 29.04 -7.71
C VAL A 5 5.54 27.72 -7.05
N GLU A 6 5.48 27.73 -5.71
CA GLU A 6 5.21 26.52 -4.94
C GLU A 6 4.07 26.79 -3.96
N SER A 7 3.26 25.76 -3.73
CA SER A 7 2.13 25.87 -2.83
C SER A 7 1.87 24.50 -2.21
N GLY A 8 0.74 24.36 -1.55
CA GLY A 8 0.35 23.11 -0.93
C GLY A 8 0.88 22.89 0.47
N GLY A 9 1.90 23.65 0.88
CA GLY A 9 2.44 23.50 2.22
C GLY A 9 1.49 24.03 3.27
N GLY A 10 1.83 23.73 4.51
CA GLY A 10 1.04 24.17 5.64
C GLY A 10 1.22 23.22 6.82
N LEU A 11 0.23 23.22 7.70
CA LEU A 11 0.23 22.34 8.85
C LEU A 11 -0.42 21.01 8.51
N VAL A 12 0.21 19.93 8.95
CA VAL A 12 -0.28 18.58 8.71
C VAL A 12 0.01 17.74 9.95
N GLN A 13 -0.96 16.90 10.32
CA GLN A 13 -0.83 16.05 11.49
C GLN A 13 0.11 14.87 11.21
N PRO A 14 0.79 14.36 12.24
CA PRO A 14 1.72 13.23 12.03
C PRO A 14 0.98 11.99 11.57
N GLY A 15 1.39 11.47 10.41
CA GLY A 15 0.79 10.30 9.81
C GLY A 15 -0.10 10.59 8.61
N ARG A 16 -0.64 11.80 8.51
CA ARG A 16 -1.50 12.19 7.40
C ARG A 16 -0.70 12.34 6.10
N SER A 17 -1.27 13.03 5.11
CA SER A 17 -0.65 13.22 3.82
C SER A 17 -0.62 14.71 3.47
N LEU A 18 0.16 15.04 2.44
CA LEU A 18 0.25 16.40 1.90
C LEU A 18 0.88 16.39 0.52
N ARG A 19 0.28 17.08 -0.45
CA ARG A 19 0.74 17.08 -1.84
C ARG A 19 1.23 18.47 -2.21
N LEU A 20 2.51 18.58 -2.54
CA LEU A 20 3.10 19.84 -2.93
C LEU A 20 3.06 19.98 -4.46
N SER A 21 3.10 21.24 -4.92
CA SER A 21 3.04 21.54 -6.34
C SER A 21 4.02 22.66 -6.65
N CYS A 22 4.65 22.57 -7.83
CA CYS A 22 5.63 23.55 -8.27
C CYS A 22 5.32 23.92 -9.71
N ALA A 23 4.89 25.16 -9.92
CA ALA A 23 4.54 25.65 -11.25
C ALA A 23 5.74 26.33 -11.90
N ALA A 24 5.96 26.02 -13.17
CA ALA A 24 7.05 26.61 -13.94
C ALA A 24 6.49 27.53 -15.03
N SER A 25 7.28 28.55 -15.38
CA SER A 25 6.85 29.53 -16.35
C SER A 25 8.07 30.21 -16.96
N GLY A 26 7.98 30.48 -18.27
CA GLY A 26 9.02 31.21 -18.97
C GLY A 26 10.14 30.37 -19.54
N PHE A 27 9.97 29.06 -19.62
CA PHE A 27 10.95 28.19 -20.25
C PHE A 27 10.28 26.88 -20.59
N THR A 28 10.84 26.19 -21.59
CA THR A 28 10.30 24.89 -22.01
C THR A 28 10.41 23.89 -20.86
N PHE A 29 9.28 23.53 -20.26
CA PHE A 29 9.30 22.68 -19.08
C PHE A 29 9.73 21.26 -19.42
N ASP A 30 9.30 20.74 -20.58
CA ASP A 30 9.65 19.38 -20.96
C ASP A 30 11.04 19.32 -21.60
N ASP A 31 12.03 19.89 -20.93
CA ASP A 31 13.40 19.91 -21.44
C ASP A 31 14.42 19.79 -20.32
N TYR A 32 13.99 20.05 -19.08
CA TYR A 32 14.90 20.04 -17.94
C TYR A 32 14.37 19.10 -16.86
N ALA A 33 15.29 18.60 -16.05
CA ALA A 33 14.93 17.81 -14.89
C ALA A 33 14.55 18.71 -13.73
N MET A 34 13.60 18.25 -12.92
CA MET A 34 13.11 19.02 -11.78
C MET A 34 13.36 18.24 -10.49
N HIS A 35 13.66 18.97 -9.43
CA HIS A 35 14.03 18.36 -8.16
C HIS A 35 13.30 19.04 -7.00
N TRP A 36 13.18 18.28 -5.91
CA TRP A 36 12.70 18.80 -4.63
C TRP A 36 13.84 18.70 -3.62
N VAL A 37 14.15 19.82 -2.96
CA VAL A 37 15.15 19.85 -1.90
C VAL A 37 14.53 20.53 -0.69
N ARG A 38 14.55 19.86 0.45
CA ARG A 38 14.00 20.40 1.68
C ARG A 38 15.10 20.89 2.61
N GLN A 39 14.70 21.70 3.59
CA GLN A 39 15.66 22.26 4.53
C GLN A 39 14.99 22.58 5.85
N PRO A 40 15.21 21.78 6.89
CA PRO A 40 14.70 22.11 8.22
C PRO A 40 15.27 23.44 8.70
N PRO A 41 14.58 24.11 9.63
CA PRO A 41 15.06 25.42 10.11
C PRO A 41 16.45 25.31 10.74
N GLY A 42 17.39 26.08 10.17
CA GLY A 42 18.75 26.09 10.66
C GLY A 42 19.61 24.95 10.19
N LYS A 43 19.04 23.94 9.56
CA LYS A 43 19.79 22.77 9.11
C LYS A 43 20.21 22.97 7.65
N GLY A 44 20.90 21.97 7.10
CA GLY A 44 21.40 22.03 5.75
C GLY A 44 20.39 21.57 4.72
N LEU A 45 20.84 21.58 3.46
CA LEU A 45 19.98 21.18 2.35
C LEU A 45 19.99 19.65 2.20
N GLU A 46 18.80 19.07 2.09
CA GLU A 46 18.65 17.64 1.86
C GLU A 46 17.82 17.42 0.61
N TRP A 47 18.41 16.75 -0.38
CA TRP A 47 17.70 16.45 -1.61
C TRP A 47 16.60 15.43 -1.34
N VAL A 48 15.37 15.74 -1.76
CA VAL A 48 14.23 14.89 -1.50
C VAL A 48 14.07 13.87 -2.62
N SER A 49 13.76 14.35 -3.81
CA SER A 49 13.57 13.50 -4.98
C SER A 49 13.73 14.35 -6.23
N GLY A 50 13.63 13.71 -7.38
CA GLY A 50 13.68 14.42 -8.65
C GLY A 50 12.89 13.66 -9.70
N VAL A 51 12.73 14.31 -10.85
CA VAL A 51 12.05 13.68 -11.99
C VAL A 51 12.63 14.29 -13.26
N SER A 52 12.90 13.43 -14.24
CA SER A 52 13.54 13.85 -15.49
C SER A 52 12.54 14.55 -16.40
N TRP A 53 13.02 14.90 -17.60
CA TRP A 53 12.15 15.57 -18.58
C TRP A 53 11.00 14.67 -19.01
N ASN A 54 11.25 13.36 -19.08
CA ASN A 54 10.24 12.39 -19.48
C ASN A 54 9.53 11.76 -18.29
N SER A 55 9.41 12.50 -17.19
CA SER A 55 8.63 12.09 -16.01
C SER A 55 9.19 10.85 -15.34
N GLY A 56 10.49 10.58 -15.48
CA GLY A 56 11.09 9.41 -14.88
C GLY A 56 11.54 9.64 -13.45
N THR A 57 10.97 8.90 -12.50
CA THR A 57 11.37 9.04 -11.10
C THR A 57 12.83 8.63 -10.93
N ILE A 58 13.60 9.44 -10.21
CA ILE A 58 15.04 9.24 -10.16
C ILE A 58 15.54 9.20 -8.72
N GLY A 59 15.09 8.21 -7.96
CA GLY A 59 15.59 7.99 -6.63
C GLY A 59 14.86 8.83 -5.59
N TYR A 60 15.23 8.57 -4.33
CA TYR A 60 14.64 9.22 -3.18
C TYR A 60 15.66 9.22 -2.05
N ALA A 61 15.46 10.13 -1.12
CA ALA A 61 16.21 10.09 0.13
C ALA A 61 15.86 8.83 0.91
N ASP A 62 16.84 8.30 1.64
CA ASP A 62 16.63 7.05 2.36
C ASP A 62 15.52 7.17 3.39
N SER A 63 15.37 8.35 3.99
CA SER A 63 14.31 8.56 4.99
C SER A 63 12.94 8.75 4.36
N VAL A 64 12.88 9.14 3.09
CA VAL A 64 11.60 9.35 2.40
C VAL A 64 11.27 8.25 1.41
N LYS A 65 12.20 7.35 1.12
CA LYS A 65 11.95 6.29 0.14
C LYS A 65 10.79 5.41 0.60
N GLY A 66 9.84 5.17 -0.30
CA GLY A 66 8.66 4.40 0.00
C GLY A 66 7.49 5.19 0.51
N ARG A 67 7.72 6.43 0.97
CA ARG A 67 6.65 7.29 1.45
C ARG A 67 6.31 8.43 0.50
N PHE A 68 7.29 8.95 -0.21
CA PHE A 68 7.10 10.07 -1.12
C PHE A 68 7.01 9.57 -2.56
N ILE A 69 6.14 10.21 -3.35
CA ILE A 69 5.97 9.89 -4.77
C ILE A 69 5.96 11.19 -5.55
N ILE A 70 6.93 11.34 -6.43
CA ILE A 70 7.09 12.55 -7.24
C ILE A 70 6.60 12.26 -8.66
N SER A 71 5.97 13.26 -9.28
CA SER A 71 5.49 13.14 -10.65
C SER A 71 5.42 14.53 -11.25
N ARG A 72 5.29 14.58 -12.58
CA ARG A 72 5.22 15.85 -13.29
C ARG A 72 4.19 15.76 -14.41
N ASP A 73 3.68 16.93 -14.80
CA ASP A 73 2.77 17.07 -15.94
C ASP A 73 3.33 18.17 -16.83
N ASN A 74 3.92 17.77 -17.95
CA ASN A 74 4.50 18.74 -18.87
C ASN A 74 3.46 19.61 -19.55
N ALA A 75 2.21 19.14 -19.64
CA ALA A 75 1.16 19.95 -20.24
C ALA A 75 0.79 21.14 -19.37
N LYS A 76 1.01 21.03 -18.05
CA LYS A 76 0.68 22.09 -17.12
C LYS A 76 1.91 22.79 -16.56
N ASN A 77 3.10 22.45 -17.05
CA ASN A 77 4.35 23.08 -16.61
C ASN A 77 4.50 23.01 -15.09
N SER A 78 4.16 21.86 -14.52
CA SER A 78 4.08 21.72 -13.08
C SER A 78 4.78 20.45 -12.63
N LEU A 79 5.13 20.43 -11.35
CA LEU A 79 5.78 19.31 -10.69
C LEU A 79 5.05 19.04 -9.37
N TYR A 80 4.93 17.78 -8.99
CA TYR A 80 4.21 17.41 -7.79
C TYR A 80 5.02 16.45 -6.94
N LEU A 81 4.72 16.43 -5.64
CA LEU A 81 5.42 15.58 -4.69
C LEU A 81 4.42 15.14 -3.63
N GLN A 82 3.88 13.93 -3.79
CA GLN A 82 2.96 13.37 -2.81
C GLN A 82 3.74 12.85 -1.61
N MET A 83 3.31 13.25 -0.42
CA MET A 83 4.00 12.89 0.82
C MET A 83 3.03 12.17 1.74
N ASN A 84 3.33 10.91 2.05
CA ASN A 84 2.49 10.07 2.89
C ASN A 84 3.25 9.66 4.15
N SER A 85 2.47 9.31 5.17
CA SER A 85 3.02 8.90 6.48
C SER A 85 4.07 9.88 6.97
N LEU A 86 3.67 11.16 7.05
CA LEU A 86 4.60 12.20 7.43
C LEU A 86 4.99 12.07 8.90
N LYS A 87 6.24 12.37 9.20
CA LYS A 87 6.76 12.36 10.55
C LYS A 87 7.37 13.71 10.88
N ALA A 88 7.64 13.92 12.17
CA ALA A 88 8.12 15.23 12.63
C ALA A 88 9.43 15.63 11.96
N GLU A 89 10.29 14.66 11.65
CA GLU A 89 11.53 14.97 10.96
C GLU A 89 11.31 15.42 9.51
N ASP A 90 10.07 15.38 9.02
CA ASP A 90 9.75 15.92 7.71
C ASP A 90 9.45 17.42 7.74
N THR A 91 9.32 18.01 8.93
CA THR A 91 9.09 19.44 9.05
C THR A 91 10.28 20.21 8.47
N ALA A 92 10.09 20.78 7.28
CA ALA A 92 11.17 21.50 6.62
C ALA A 92 10.58 22.42 5.55
N LEU A 93 11.43 23.32 5.06
CA LEU A 93 11.08 24.21 3.96
C LEU A 93 11.49 23.54 2.65
N TYR A 94 10.49 23.21 1.83
CA TYR A 94 10.74 22.43 0.62
C TYR A 94 10.92 23.37 -0.56
N TYR A 95 12.05 23.26 -1.24
CA TYR A 95 12.35 24.04 -2.43
C TYR A 95 12.01 23.24 -3.69
N CYS A 96 11.99 23.95 -4.81
CA CYS A 96 11.78 23.36 -6.13
C CYS A 96 12.77 24.00 -7.08
N ALA A 97 13.58 23.18 -7.76
CA ALA A 97 14.65 23.71 -8.59
C ALA A 97 14.72 22.94 -9.91
N ARG A 98 15.24 23.62 -10.92
CA ARG A 98 15.52 23.01 -12.21
C ARG A 98 17.01 22.73 -12.36
N GLU A 99 17.33 21.78 -13.24
CA GLU A 99 18.69 21.33 -13.45
C GLU A 99 19.01 21.35 -14.94
N VAL A 100 20.06 22.08 -15.29
CA VAL A 100 20.67 21.99 -16.60
C VAL A 100 21.66 20.84 -16.60
N GLY A 101 21.85 20.25 -17.77
CA GLY A 101 22.86 19.23 -17.93
C GLY A 101 22.26 17.99 -18.55
N GLY A 102 22.98 16.89 -18.41
CA GLY A 102 22.69 15.66 -19.08
C GLY A 102 22.04 14.63 -18.19
N THR A 103 22.31 13.36 -18.51
CA THR A 103 21.63 12.22 -17.90
C THR A 103 20.12 12.43 -18.00
N PHE A 104 19.54 13.20 -17.11
CA PHE A 104 18.10 13.41 -17.08
C PHE A 104 17.66 14.62 -17.89
N GLY A 105 18.59 15.22 -18.67
CA GLY A 105 18.22 16.24 -19.63
C GLY A 105 17.65 15.65 -20.91
N VAL A 106 17.10 16.54 -21.75
CA VAL A 106 16.49 16.11 -23.01
C VAL A 106 17.49 15.50 -23.97
N LEU A 107 18.79 15.65 -23.75
CA LEU A 107 19.79 15.14 -24.66
C LEU A 107 21.00 14.68 -23.86
N ILE A 108 22.13 14.53 -24.57
CA ILE A 108 23.36 14.03 -23.94
C ILE A 108 24.20 15.26 -23.63
N SER A 109 23.94 15.81 -22.45
CA SER A 109 24.68 16.95 -21.95
C SER A 109 25.53 16.50 -20.77
N ARG A 110 26.13 17.46 -20.09
CA ARG A 110 27.02 17.18 -18.98
C ARG A 110 26.26 17.28 -17.67
N GLU A 111 26.41 18.40 -16.98
CA GLU A 111 25.81 18.59 -15.66
C GLU A 111 25.81 20.06 -15.28
N GLY A 112 24.81 20.82 -15.73
CA GLY A 112 24.80 22.26 -15.53
C GLY A 112 24.56 22.70 -14.10
N GLY A 113 23.92 21.85 -13.29
CA GLY A 113 23.63 22.18 -11.91
C GLY A 113 22.23 22.73 -11.72
N LEU A 114 21.88 22.95 -10.46
CA LEU A 114 20.56 23.46 -10.09
C LEU A 114 20.54 24.95 -10.37
N ASP A 115 19.90 25.34 -11.47
CA ASP A 115 19.96 26.72 -11.95
C ASP A 115 19.14 27.64 -11.07
N TYR A 116 17.86 27.81 -11.40
CA TYR A 116 16.99 28.68 -10.63
C TYR A 116 16.33 27.92 -9.49
N TRP A 117 16.05 28.64 -8.41
CA TRP A 117 15.46 28.06 -7.22
C TRP A 117 14.20 28.83 -6.83
N GLY A 118 13.17 28.09 -6.42
CA GLY A 118 11.99 28.72 -5.89
C GLY A 118 12.19 29.21 -4.46
N GLN A 119 11.21 29.95 -3.97
CA GLN A 119 11.29 30.49 -2.62
C GLN A 119 10.90 29.47 -1.55
N GLY A 120 10.26 28.38 -1.95
CA GLY A 120 9.99 27.32 -0.99
C GLY A 120 8.64 27.46 -0.32
N THR A 121 8.09 26.33 0.09
CA THR A 121 6.85 26.30 0.86
C THR A 121 7.11 25.50 2.13
N LEU A 122 6.65 26.04 3.26
CA LEU A 122 6.98 25.47 4.55
C LEU A 122 5.96 24.41 4.95
N VAL A 123 6.45 23.23 5.31
CA VAL A 123 5.62 22.13 5.78
C VAL A 123 5.94 21.91 7.25
N THR A 124 4.92 22.00 8.10
CA THR A 124 5.05 21.79 9.53
C THR A 124 4.29 20.52 9.90
N VAL A 125 5.01 19.55 10.46
CA VAL A 125 4.42 18.27 10.86
C VAL A 125 4.28 18.31 12.39
N SER A 126 3.06 18.57 12.86
CA SER A 126 2.80 18.66 14.29
C SER A 126 1.36 18.26 14.57
N SER A 127 1.12 17.74 15.77
CA SER A 127 -0.22 17.40 16.22
C SER A 127 -0.95 18.58 16.83
N ALA A 128 -0.29 19.73 16.97
CA ALA A 128 -0.92 20.91 17.55
C ALA A 128 -2.02 21.44 16.62
N SER A 129 -2.75 22.43 17.11
CA SER A 129 -3.89 22.99 16.41
C SER A 129 -3.54 24.35 15.80
N THR A 130 -4.08 24.61 14.62
CA THR A 130 -3.87 25.88 13.96
C THR A 130 -4.58 26.99 14.72
N LYS A 131 -3.91 28.14 14.86
CA LYS A 131 -4.49 29.30 15.53
C LYS A 131 -4.11 30.57 14.78
N GLY A 132 -5.11 31.36 14.43
CA GLY A 132 -4.88 32.66 13.84
C GLY A 132 -4.29 33.63 14.84
N PRO A 133 -3.50 34.58 14.37
CA PRO A 133 -2.85 35.54 15.27
C PRO A 133 -3.79 36.65 15.70
N SER A 134 -3.33 37.40 16.69
CA SER A 134 -3.99 38.63 17.12
C SER A 134 -3.06 39.80 16.83
N VAL A 135 -3.56 40.79 16.10
CA VAL A 135 -2.78 41.93 15.64
C VAL A 135 -3.11 43.13 16.53
N PHE A 136 -2.08 43.77 17.07
CA PHE A 136 -2.22 44.97 17.89
C PHE A 136 -1.34 46.08 17.35
N PRO A 137 -1.83 47.32 17.34
CA PRO A 137 -1.01 48.44 16.83
C PRO A 137 0.02 48.89 17.86
N LEU A 138 1.26 49.05 17.42
CA LEU A 138 2.33 49.56 18.27
C LEU A 138 2.40 51.06 18.04
N ALA A 139 1.68 51.82 18.87
CA ALA A 139 1.56 53.25 18.67
C ALA A 139 2.89 53.95 18.94
N PRO A 140 3.29 54.89 18.08
CA PRO A 140 4.51 55.67 18.35
C PRO A 140 4.27 56.69 19.46
N SER A 141 5.33 56.91 20.24
CA SER A 141 5.28 57.83 21.39
C SER A 141 6.30 58.93 21.17
N SER A 142 5.82 60.17 21.06
CA SER A 142 6.69 61.32 20.85
C SER A 142 7.21 61.87 22.18
N GLY A 148 12.46 64.85 13.97
CA GLY A 148 13.33 63.72 13.70
C GLY A 148 12.60 62.57 13.01
N THR A 149 12.66 61.39 13.61
CA THR A 149 11.97 60.21 13.10
C THR A 149 11.26 59.50 14.24
N ALA A 150 10.16 58.83 13.88
CA ALA A 150 9.35 58.08 14.83
C ALA A 150 9.21 56.63 14.38
N ALA A 151 9.12 55.73 15.35
CA ALA A 151 9.05 54.30 15.10
C ALA A 151 7.68 53.76 15.51
N LEU A 152 7.05 53.03 14.60
CA LEU A 152 5.75 52.42 14.86
C LEU A 152 5.73 51.06 14.20
N GLY A 153 4.77 50.23 14.60
CA GLY A 153 4.69 48.90 14.04
C GLY A 153 3.46 48.15 14.47
N CYS A 154 3.51 46.84 14.30
CA CYS A 154 2.41 45.95 14.63
C CYS A 154 2.94 44.75 15.41
N LEU A 155 2.08 44.21 16.29
CA LEU A 155 2.40 43.03 17.08
C LEU A 155 1.52 41.88 16.62
N VAL A 156 2.14 40.85 16.07
CA VAL A 156 1.43 39.64 15.61
C VAL A 156 1.62 38.61 16.71
N LYS A 157 0.66 38.55 17.63
CA LYS A 157 0.80 37.77 18.87
C LYS A 157 0.04 36.46 18.79
N ASP A 158 0.70 35.38 19.23
CA ASP A 158 0.08 34.07 19.40
C ASP A 158 -0.52 33.53 18.10
N TYR A 159 0.30 32.88 17.28
CA TYR A 159 -0.19 32.21 16.09
C TYR A 159 0.57 30.90 15.91
N PHE A 160 0.02 30.04 15.07
CA PHE A 160 0.63 28.75 14.75
C PHE A 160 -0.04 28.17 13.52
N PRO A 161 0.72 27.60 12.56
CA PRO A 161 2.18 27.59 12.57
C PRO A 161 2.79 28.70 11.74
N GLU A 162 4.10 28.61 11.52
CA GLU A 162 4.77 29.51 10.60
C GLU A 162 4.27 29.27 9.18
N PRO A 163 4.37 30.28 8.30
CA PRO A 163 4.84 31.64 8.57
C PRO A 163 3.75 32.70 8.54
N VAL A 164 4.14 33.96 8.72
CA VAL A 164 3.27 35.11 8.54
C VAL A 164 4.00 36.14 7.69
N THR A 165 3.27 36.83 6.83
CA THR A 165 3.82 37.87 5.96
C THR A 165 3.29 39.22 6.40
N VAL A 166 4.19 40.20 6.51
CA VAL A 166 3.86 41.54 6.97
C VAL A 166 4.34 42.53 5.92
N SER A 167 3.41 43.32 5.38
CA SER A 167 3.72 44.45 4.50
C SER A 167 3.10 45.70 5.10
N TRP A 168 3.38 46.84 4.46
CA TRP A 168 2.89 48.14 4.92
C TRP A 168 2.34 48.92 3.74
N ASN A 169 1.10 49.38 3.88
CA ASN A 169 0.41 50.15 2.82
C ASN A 169 0.34 49.36 1.52
N SER A 170 -0.03 48.09 1.64
CA SER A 170 -0.20 47.21 0.48
C SER A 170 1.11 47.13 -0.31
N GLY A 171 2.22 47.15 0.42
CA GLY A 171 3.54 47.07 -0.16
C GLY A 171 4.11 48.39 -0.64
N ALA A 172 3.34 49.48 -0.57
CA ALA A 172 3.85 50.76 -1.05
C ALA A 172 4.90 51.35 -0.12
N LEU A 173 4.99 50.85 1.11
CA LEU A 173 5.93 51.34 2.10
C LEU A 173 6.93 50.23 2.39
N THR A 174 8.19 50.43 1.96
CA THR A 174 9.23 49.44 2.16
C THR A 174 10.45 50.05 2.85
N SER A 175 10.70 51.33 2.61
CA SER A 175 11.86 51.98 3.19
C SER A 175 11.68 52.18 4.70
N GLY A 176 12.73 51.90 5.45
CA GLY A 176 12.69 52.03 6.90
C GLY A 176 11.97 50.92 7.62
N VAL A 177 11.49 49.90 6.90
CA VAL A 177 10.75 48.80 7.49
C VAL A 177 11.72 47.71 7.87
N HIS A 178 11.47 47.07 9.02
CA HIS A 178 12.26 45.93 9.47
C HIS A 178 11.32 44.97 10.19
N THR A 179 11.15 43.77 9.63
CA THR A 179 10.28 42.76 10.20
C THR A 179 11.15 41.76 10.97
N PHE A 180 10.90 41.65 12.27
CA PHE A 180 11.71 40.80 13.13
C PHE A 180 11.23 39.36 13.08
N PRO A 181 12.15 38.42 13.29
CA PRO A 181 11.76 37.01 13.39
C PRO A 181 10.84 36.77 14.57
N ALA A 182 10.12 35.65 14.51
CA ALA A 182 9.13 35.30 15.52
C ALA A 182 9.78 34.57 16.69
N VAL A 183 9.21 34.77 17.88
CA VAL A 183 9.55 33.98 19.06
C VAL A 183 8.78 32.67 19.00
N LEU A 184 9.15 31.72 19.86
CA LEU A 184 8.37 30.51 20.08
C LEU A 184 8.12 30.44 21.59
N GLN A 185 7.00 31.00 22.02
CA GLN A 185 6.67 31.08 23.44
C GLN A 185 6.52 29.70 24.05
N SER A 186 6.70 29.63 25.37
CA SER A 186 6.58 28.35 26.06
C SER A 186 5.19 27.76 25.94
N SER A 187 4.20 28.54 25.50
CA SER A 187 2.87 28.03 25.23
C SER A 187 2.80 27.28 23.89
N GLY A 188 3.86 27.32 23.08
CA GLY A 188 3.86 26.68 21.78
C GLY A 188 3.44 27.55 20.63
N LEU A 189 3.10 28.81 20.88
CA LEU A 189 2.64 29.72 19.84
C LEU A 189 3.73 30.71 19.48
N TYR A 190 3.74 31.12 18.21
CA TYR A 190 4.67 32.12 17.71
C TYR A 190 4.09 33.53 17.90
N SER A 191 4.99 34.49 18.07
CA SER A 191 4.60 35.90 18.13
C SER A 191 5.63 36.71 17.37
N LEU A 192 5.16 37.63 16.53
CA LEU A 192 6.01 38.36 15.61
C LEU A 192 5.68 39.85 15.68
N SER A 193 6.66 40.67 15.30
CA SER A 193 6.49 42.12 15.30
CA SER A 193 6.46 42.12 15.28
C SER A 193 7.30 42.72 14.15
N SER A 194 6.75 43.74 13.52
CA SER A 194 7.40 44.45 12.43
C SER A 194 7.37 45.95 12.70
N VAL A 195 8.48 46.64 12.45
CA VAL A 195 8.61 48.05 12.79
C VAL A 195 9.02 48.83 11.56
N VAL A 196 8.45 50.03 11.42
CA VAL A 196 8.79 50.99 10.37
C VAL A 196 9.32 52.25 11.03
N THR A 197 10.30 52.88 10.38
CA THR A 197 10.83 54.16 10.82
C THR A 197 10.34 55.23 9.84
N VAL A 198 9.66 56.24 10.38
CA VAL A 198 9.10 57.31 9.56
C VAL A 198 9.42 58.65 10.23
N PRO A 199 9.49 59.76 9.49
CA PRO A 199 9.81 61.04 10.12
C PRO A 199 8.73 61.49 11.09
N SER A 200 9.15 62.25 12.11
CA SER A 200 8.21 62.73 13.11
C SER A 200 7.15 63.64 12.51
N SER A 201 7.51 64.41 11.48
CA SER A 201 6.58 65.35 10.84
C SER A 201 5.99 64.74 9.57
N SER A 202 5.25 63.65 9.76
CA SER A 202 4.60 62.95 8.66
C SER A 202 3.45 62.09 9.17
N LEU A 203 3.16 62.19 10.46
CA LEU A 203 2.13 61.33 11.06
C LEU A 203 0.74 61.75 10.58
N GLY A 204 0.45 63.04 10.59
CA GLY A 204 -0.86 63.51 10.15
C GLY A 204 -1.10 63.37 8.66
N THR A 205 -0.04 63.30 7.86
CA THR A 205 -0.18 63.20 6.41
C THR A 205 -0.48 61.78 5.97
N GLN A 206 0.56 60.96 5.81
CA GLN A 206 0.41 59.62 5.29
C GLN A 206 -0.02 58.66 6.40
N THR A 207 -1.05 57.87 6.12
CA THR A 207 -1.50 56.83 7.02
C THR A 207 -0.65 55.58 6.83
N TYR A 208 -0.46 54.84 7.91
CA TYR A 208 0.33 53.62 7.90
C TYR A 208 -0.56 52.45 8.30
N ILE A 209 -0.55 51.40 7.47
CA ILE A 209 -1.36 50.21 7.71
C ILE A 209 -0.51 48.99 7.44
N CYS A 210 -0.34 48.14 8.46
CA CYS A 210 0.38 46.88 8.31
C CYS A 210 -0.58 45.80 7.82
N ASN A 211 -0.09 44.96 6.90
CA ASN A 211 -0.90 43.92 6.28
C ASN A 211 -0.35 42.57 6.72
N VAL A 212 -1.03 41.94 7.67
CA VAL A 212 -0.63 40.63 8.19
C VAL A 212 -1.47 39.56 7.51
N ASN A 213 -0.81 38.53 6.99
CA ASN A 213 -1.48 37.43 6.31
C ASN A 213 -1.00 36.11 6.91
N HIS A 214 -1.93 35.32 7.42
CA HIS A 214 -1.65 34.01 8.01
C HIS A 214 -2.44 32.98 7.21
N LYS A 215 -1.83 32.47 6.14
CA LYS A 215 -2.53 31.53 5.26
C LYS A 215 -2.97 30.23 5.95
N PRO A 216 -2.17 29.59 6.82
CA PRO A 216 -2.64 28.33 7.43
C PRO A 216 -3.94 28.46 8.20
N SER A 217 -4.35 29.66 8.61
CA SER A 217 -5.59 29.85 9.33
C SER A 217 -6.59 30.74 8.58
N ASN A 218 -6.29 31.08 7.33
CA ASN A 218 -7.12 31.98 6.52
C ASN A 218 -7.40 33.29 7.27
N THR A 219 -6.31 33.96 7.65
CA THR A 219 -6.38 35.19 8.44
C THR A 219 -5.59 36.28 7.74
N LYS A 220 -6.30 37.29 7.23
CA LYS A 220 -5.68 38.48 6.67
C LYS A 220 -6.23 39.70 7.40
N VAL A 221 -5.36 40.41 8.09
CA VAL A 221 -5.76 41.57 8.89
C VAL A 221 -4.93 42.77 8.45
N ASP A 222 -5.61 43.90 8.24
CA ASP A 222 -4.98 45.18 7.93
C ASP A 222 -5.30 46.13 9.07
N LYS A 223 -4.28 46.53 9.83
CA LYS A 223 -4.47 47.32 11.04
C LYS A 223 -3.98 48.75 10.81
N LYS A 224 -4.77 49.71 11.27
CA LYS A 224 -4.44 51.13 11.14
C LYS A 224 -3.66 51.55 12.38
N VAL A 225 -2.36 51.81 12.20
CA VAL A 225 -1.54 52.31 13.30
C VAL A 225 -1.56 53.83 13.25
N GLU A 226 -1.83 54.45 14.39
CA GLU A 226 -1.90 55.90 14.48
C GLU A 226 -1.49 56.31 15.90
N PRO A 227 -1.09 57.56 16.10
CA PRO A 227 -0.70 58.02 17.45
C PRO A 227 -1.83 57.80 18.45
N LYS A 228 -1.43 57.52 19.69
CA LYS A 228 -2.37 57.30 20.79
C LYS A 228 -2.48 58.54 21.65
N SER A 229 -3.71 58.96 21.90
CA SER A 229 -4.00 60.14 22.72
C SER A 229 -3.31 61.39 22.19
N SER B 1 25.24 4.76 0.11
CA SER B 1 24.93 6.13 0.54
C SER B 1 26.19 7.00 0.54
N TYR B 2 26.43 7.69 -0.57
CA TYR B 2 27.56 8.58 -0.67
C TYR B 2 27.39 9.77 0.28
N GLU B 3 28.49 10.21 0.88
CA GLU B 3 28.46 11.25 1.90
C GLU B 3 29.52 12.29 1.60
N LEU B 4 29.12 13.56 1.62
CA LEU B 4 30.04 14.67 1.41
C LEU B 4 30.33 15.37 2.73
N THR B 5 31.57 15.81 2.90
CA THR B 5 32.03 16.45 4.13
C THR B 5 32.67 17.79 3.79
N GLN B 6 32.07 18.88 4.31
CA GLN B 6 32.61 20.22 4.24
C GLN B 6 32.97 20.71 5.64
N PRO B 7 33.97 21.57 5.79
CA PRO B 7 34.26 22.15 7.09
C PRO B 7 33.08 22.98 7.57
N PRO B 8 32.69 22.82 8.84
CA PRO B 8 31.52 23.56 9.33
C PRO B 8 31.69 25.07 9.31
N SER B 9 32.90 25.59 9.56
CA SER B 9 33.14 27.02 9.62
C SER B 9 34.49 27.38 9.01
N VAL B 10 34.52 28.53 8.34
CA VAL B 10 35.73 29.08 7.74
C VAL B 10 35.73 30.59 7.96
N SER B 11 36.87 31.12 8.39
CA SER B 11 37.03 32.56 8.66
C SER B 11 38.15 33.12 7.80
N VAL B 12 37.88 34.23 7.13
CA VAL B 12 38.83 34.86 6.21
C VAL B 12 38.72 36.37 6.36
N ALA B 13 39.87 37.04 6.43
CA ALA B 13 39.89 38.49 6.54
C ALA B 13 39.55 39.14 5.20
N PRO B 14 39.01 40.36 5.21
CA PRO B 14 38.67 41.03 3.94
C PRO B 14 39.90 41.25 3.08
N GLY B 15 39.73 41.01 1.78
CA GLY B 15 40.81 41.14 0.82
C GLY B 15 41.61 39.88 0.59
N GLN B 16 41.49 38.88 1.47
CA GLN B 16 42.21 37.63 1.32
C GLN B 16 41.40 36.64 0.49
N THR B 17 41.92 35.42 0.37
CA THR B 17 41.29 34.36 -0.41
C THR B 17 40.84 33.24 0.52
N ALA B 18 39.65 32.71 0.23
CA ALA B 18 39.05 31.65 1.04
C ALA B 18 39.08 30.33 0.28
N ARG B 19 39.29 29.24 1.01
CA ARG B 19 39.26 27.90 0.44
C ARG B 19 38.28 27.05 1.24
N ILE B 20 37.28 26.50 0.55
CA ILE B 20 36.28 25.63 1.17
C ILE B 20 36.37 24.26 0.49
N THR B 21 36.79 23.25 1.24
CA THR B 21 36.98 21.92 0.69
C THR B 21 35.69 21.12 0.76
N CYS B 22 35.63 20.07 -0.05
CA CYS B 22 34.45 19.22 -0.17
C CYS B 22 34.97 17.80 -0.40
N GLY B 23 35.09 17.03 0.67
CA GLY B 23 35.68 15.71 0.60
C GLY B 23 34.70 14.63 0.19
N GLY B 24 35.23 13.59 -0.45
CA GLY B 24 34.42 12.45 -0.83
C GLY B 24 35.29 11.40 -1.49
N ASN B 25 34.78 10.17 -1.46
CA ASN B 25 35.46 9.06 -2.12
C ASN B 25 35.42 9.27 -3.62
N THR B 26 36.60 9.20 -4.25
CA THR B 26 36.83 9.52 -5.66
C THR B 26 35.91 10.63 -6.18
N ILE B 27 35.85 11.75 -5.45
CA ILE B 27 35.01 12.87 -5.85
C ILE B 27 35.53 13.52 -7.12
N GLY B 28 36.82 13.38 -7.43
CA GLY B 28 37.35 13.89 -8.68
C GLY B 28 36.76 13.23 -9.90
N SER B 29 36.17 12.04 -9.73
CA SER B 29 35.47 11.38 -10.83
C SER B 29 34.09 11.95 -11.10
N LYS B 30 33.59 12.82 -10.24
CA LYS B 30 32.25 13.37 -10.36
C LYS B 30 32.32 14.89 -10.56
N SER B 31 31.25 15.43 -11.15
CA SER B 31 31.14 16.87 -11.31
C SER B 31 30.61 17.48 -10.03
N VAL B 32 31.30 18.49 -9.52
CA VAL B 32 30.99 19.11 -8.24
C VAL B 32 30.37 20.48 -8.51
N HIS B 33 29.32 20.80 -7.75
CA HIS B 33 28.61 22.07 -7.90
C HIS B 33 28.49 22.75 -6.54
N TRP B 34 28.63 24.07 -6.52
CA TRP B 34 28.61 24.85 -5.30
C TRP B 34 27.45 25.84 -5.30
N TYR B 35 26.87 26.06 -4.12
CA TYR B 35 25.71 26.92 -3.98
C TYR B 35 25.91 27.86 -2.80
N GLN B 36 25.57 29.12 -3.00
CA GLN B 36 25.58 30.12 -1.95
C GLN B 36 24.16 30.34 -1.44
N GLN B 37 24.03 30.52 -0.12
CA GLN B 37 22.74 30.82 0.48
C GLN B 37 22.92 31.92 1.52
N ARG B 38 22.29 33.06 1.27
CA ARG B 38 22.31 34.16 2.24
C ARG B 38 21.20 33.97 3.26
N PRO B 39 21.29 34.64 4.41
CA PRO B 39 20.30 34.44 5.47
C PRO B 39 18.89 34.78 4.98
N GLY B 40 17.99 33.80 5.08
CA GLY B 40 16.62 33.96 4.69
C GLY B 40 16.36 33.88 3.20
N GLN B 41 17.38 33.73 2.38
CA GLN B 41 17.22 33.67 0.93
C GLN B 41 17.27 32.23 0.45
N ALA B 42 16.99 32.05 -0.86
CA ALA B 42 17.06 30.76 -1.51
C ALA B 42 18.45 30.51 -2.07
N PRO B 43 18.86 29.24 -2.17
CA PRO B 43 20.20 28.94 -2.71
C PRO B 43 20.36 29.46 -4.14
N VAL B 44 21.61 29.81 -4.46
CA VAL B 44 21.97 30.33 -5.77
C VAL B 44 23.22 29.62 -6.24
N LEU B 45 23.18 29.07 -7.46
CA LEU B 45 24.33 28.40 -8.02
C LEU B 45 25.43 29.41 -8.33
N VAL B 46 26.67 29.08 -7.92
CA VAL B 46 27.80 29.98 -8.13
C VAL B 46 28.88 29.27 -8.93
N VAL B 47 29.02 27.96 -8.74
CA VAL B 47 30.02 27.15 -9.44
C VAL B 47 29.38 25.83 -9.81
N TYR B 48 29.55 25.43 -11.08
CA TYR B 48 29.05 24.15 -11.55
C TYR B 48 30.11 23.47 -12.40
N ASP B 49 30.05 22.14 -12.45
CA ASP B 49 30.97 21.31 -13.22
C ASP B 49 32.43 21.65 -12.90
N ASP B 50 32.74 21.51 -11.60
CA ASP B 50 34.10 21.67 -11.07
C ASP B 50 34.59 23.11 -11.11
N SER B 51 34.38 23.82 -12.22
CA SER B 51 35.07 25.09 -12.38
C SER B 51 34.41 26.06 -13.36
N ASP B 52 33.09 25.95 -13.53
CA ASP B 52 32.37 26.85 -14.43
C ASP B 52 31.47 27.78 -13.63
N ARG B 53 31.25 28.98 -14.18
CA ARG B 53 30.48 30.02 -13.51
C ARG B 53 29.28 30.43 -14.35
N PRO B 54 28.10 30.56 -13.75
CA PRO B 54 26.96 31.12 -14.48
C PRO B 54 27.16 32.59 -14.76
N SER B 55 26.34 33.11 -15.68
CA SER B 55 26.38 34.52 -16.00
C SER B 55 25.92 35.34 -14.80
N GLY B 56 26.65 36.42 -14.52
CA GLY B 56 26.35 37.28 -13.39
C GLY B 56 27.17 37.00 -12.15
N ILE B 57 27.99 35.96 -12.16
CA ILE B 57 28.85 35.63 -11.04
C ILE B 57 30.22 36.27 -11.27
N PRO B 58 30.75 37.01 -10.30
CA PRO B 58 32.05 37.65 -10.49
C PRO B 58 33.16 36.63 -10.64
N GLU B 59 34.21 37.03 -11.36
CA GLU B 59 35.36 36.15 -11.59
C GLU B 59 36.13 35.84 -10.31
N ARG B 60 35.75 36.43 -9.18
CA ARG B 60 36.42 36.14 -7.92
C ARG B 60 36.18 34.72 -7.44
N PHE B 61 35.11 34.07 -7.92
CA PHE B 61 34.78 32.71 -7.50
C PHE B 61 35.38 31.71 -8.47
N SER B 62 36.06 30.70 -7.92
CA SER B 62 36.68 29.65 -8.73
C SER B 62 36.56 28.32 -7.99
N GLY B 63 36.65 27.24 -8.73
CA GLY B 63 36.54 25.91 -8.16
C GLY B 63 37.51 24.96 -8.81
N SER B 64 37.95 23.97 -8.04
CA SER B 64 38.82 22.92 -8.53
C SER B 64 38.32 21.58 -8.03
N ASN B 65 38.76 20.53 -8.72
CA ASN B 65 38.33 19.17 -8.36
C ASN B 65 39.41 18.20 -8.80
N SER B 66 40.00 17.51 -7.83
CA SER B 66 41.08 16.57 -8.12
C SER B 66 41.14 15.52 -7.02
N GLY B 67 41.19 14.25 -7.42
CA GLY B 67 41.32 13.16 -6.47
C GLY B 67 40.12 13.00 -5.55
N ASN B 68 40.34 13.24 -4.26
CA ASN B 68 39.30 13.07 -3.24
C ASN B 68 38.96 14.36 -2.52
N THR B 69 39.21 15.51 -3.14
CA THR B 69 38.95 16.79 -2.48
C THR B 69 38.66 17.85 -3.54
N ALA B 70 37.40 18.30 -3.58
CA ALA B 70 37.02 19.45 -4.38
C ALA B 70 37.07 20.71 -3.53
N THR B 71 37.42 21.83 -4.14
CA THR B 71 37.69 23.05 -3.40
C THR B 71 37.04 24.24 -4.08
N LEU B 72 36.39 25.09 -3.29
CA LEU B 72 35.85 26.37 -3.74
C LEU B 72 36.77 27.48 -3.29
N THR B 73 37.37 28.19 -4.23
CA THR B 73 38.32 29.26 -3.95
C THR B 73 37.72 30.59 -4.38
N ILE B 74 37.50 31.48 -3.41
CA ILE B 74 36.94 32.80 -3.65
C ILE B 74 37.98 33.84 -3.23
N SER B 75 38.44 34.63 -4.20
CA SER B 75 39.48 35.63 -3.99
C SER B 75 38.87 37.00 -3.74
N ARG B 76 39.64 37.86 -3.07
CA ARG B 76 39.24 39.23 -2.74
C ARG B 76 37.90 39.23 -2.01
N VAL B 77 37.89 38.63 -0.83
CA VAL B 77 36.65 38.40 -0.08
C VAL B 77 36.08 39.73 0.38
N GLU B 78 34.83 39.99 0.01
CA GLU B 78 34.08 41.14 0.50
C GLU B 78 33.22 40.71 1.69
N ALA B 79 32.74 41.71 2.43
CA ALA B 79 31.84 41.42 3.56
C ALA B 79 30.55 40.77 3.09
N GLY B 80 30.09 41.10 1.89
CA GLY B 80 28.89 40.49 1.35
C GLY B 80 29.04 39.03 1.01
N ASP B 81 30.28 38.54 0.90
CA ASP B 81 30.51 37.12 0.65
C ASP B 81 30.18 36.24 1.86
N GLU B 82 29.95 36.85 3.02
CA GLU B 82 29.62 36.10 4.23
C GLU B 82 28.24 35.46 4.09
N ALA B 83 28.21 34.14 3.94
CA ALA B 83 26.97 33.38 3.78
C ALA B 83 27.30 31.90 3.99
N ASP B 84 26.35 31.03 3.63
CA ASP B 84 26.53 29.59 3.68
C ASP B 84 26.83 29.04 2.29
N TYR B 85 27.58 27.94 2.26
CA TYR B 85 28.03 27.34 1.00
C TYR B 85 27.93 25.82 1.08
N TYR B 86 27.22 25.22 0.12
CA TYR B 86 27.03 23.78 0.06
C TYR B 86 27.60 23.26 -1.26
N CYS B 87 28.27 22.11 -1.19
CA CYS B 87 28.69 21.40 -2.39
C CYS B 87 27.76 20.23 -2.65
N GLN B 88 27.65 19.84 -3.92
CA GLN B 88 26.71 18.80 -4.32
C GLN B 88 27.28 18.04 -5.50
N VAL B 89 27.10 16.72 -5.50
CA VAL B 89 27.49 15.84 -6.59
C VAL B 89 26.34 14.89 -6.89
N TRP B 90 26.58 13.99 -7.84
CA TRP B 90 25.60 12.98 -8.23
C TRP B 90 26.15 11.59 -7.92
N ASP B 91 25.44 10.85 -7.06
CA ASP B 91 25.84 9.50 -6.66
C ASP B 91 25.16 8.50 -7.59
N SER B 92 25.85 8.13 -8.67
CA SER B 92 25.26 7.22 -9.65
C SER B 92 25.01 5.83 -9.08
N SER B 93 25.74 5.42 -8.05
CA SER B 93 25.55 4.09 -7.48
C SER B 93 24.19 3.99 -6.79
N SER B 94 23.89 4.91 -5.88
CA SER B 94 22.66 4.86 -5.10
C SER B 94 21.53 5.68 -5.69
N ASP B 95 21.72 6.29 -6.87
CA ASP B 95 20.72 7.12 -7.53
C ASP B 95 20.13 8.14 -6.56
N ARG B 96 20.97 9.10 -6.18
CA ARG B 96 20.63 10.07 -5.15
C ARG B 96 21.53 11.28 -5.28
N VAL B 97 20.93 12.46 -5.19
CA VAL B 97 21.67 13.73 -5.18
C VAL B 97 22.06 14.03 -3.74
N VAL B 98 23.36 14.26 -3.51
CA VAL B 98 23.90 14.41 -2.17
C VAL B 98 24.44 15.83 -2.01
N PHE B 99 24.10 16.46 -0.89
CA PHE B 99 24.64 17.76 -0.52
C PHE B 99 25.65 17.62 0.61
N GLY B 100 26.47 18.64 0.77
CA GLY B 100 27.41 18.66 1.88
C GLY B 100 26.78 19.18 3.14
N GLY B 101 27.56 19.10 4.23
CA GLY B 101 27.08 19.60 5.52
C GLY B 101 26.93 21.10 5.57
N GLY B 102 27.60 21.83 4.68
CA GLY B 102 27.51 23.28 4.69
C GLY B 102 28.69 23.92 5.40
N THR B 103 29.12 25.07 4.90
CA THR B 103 30.22 25.82 5.48
C THR B 103 29.77 27.26 5.68
N LYS B 104 29.68 27.69 6.93
CA LYS B 104 29.33 29.07 7.25
C LYS B 104 30.59 29.92 7.12
N LEU B 105 30.65 30.71 6.05
CA LEU B 105 31.77 31.62 5.85
C LEU B 105 31.54 32.89 6.65
N THR B 106 32.47 33.22 7.54
CA THR B 106 32.39 34.41 8.36
C THR B 106 33.57 35.31 8.03
N VAL B 107 33.30 36.57 7.71
CA VAL B 107 34.35 37.53 7.37
C VAL B 107 34.73 38.28 8.63
N LEU B 108 35.99 38.15 9.04
CA LEU B 108 36.50 38.80 10.23
C LEU B 108 36.72 40.29 9.96
N GLY B 109 37.06 41.01 11.03
CA GLY B 109 37.34 42.44 10.91
C GLY B 109 36.14 43.33 10.69
N GLN B 110 35.00 42.99 11.29
CA GLN B 110 33.83 43.85 11.15
C GLN B 110 33.65 44.66 12.42
N PRO B 111 33.44 45.97 12.30
CA PRO B 111 33.39 46.82 13.51
C PRO B 111 32.23 46.44 14.41
N LYS B 112 32.46 46.56 15.72
CA LYS B 112 31.45 46.21 16.73
C LYS B 112 30.42 47.31 16.81
N ALA B 113 29.19 47.01 16.41
CA ALA B 113 28.11 47.98 16.38
C ALA B 113 27.22 47.83 17.61
N ALA B 114 26.77 48.97 18.14
CA ALA B 114 25.91 48.98 19.31
C ALA B 114 24.47 48.65 18.92
N PRO B 115 23.73 47.95 19.79
CA PRO B 115 22.35 47.60 19.46
C PRO B 115 21.42 48.81 19.55
N THR B 116 20.45 48.84 18.64
CA THR B 116 19.41 49.87 18.63
C THR B 116 18.14 49.26 19.22
N VAL B 117 17.77 49.72 20.40
CA VAL B 117 16.66 49.16 21.17
C VAL B 117 15.42 50.00 20.95
N THR B 118 14.29 49.33 20.68
CA THR B 118 12.99 49.98 20.55
C THR B 118 12.00 49.23 21.42
N LEU B 119 11.33 49.95 22.31
CA LEU B 119 10.41 49.35 23.29
C LEU B 119 9.03 49.97 23.17
N PHE B 120 8.01 49.12 23.06
CA PHE B 120 6.63 49.55 22.90
C PHE B 120 5.80 49.12 24.11
N PRO B 121 5.02 50.02 24.69
CA PRO B 121 4.13 49.63 25.79
C PRO B 121 2.99 48.78 25.27
N PRO B 122 2.19 48.17 26.15
CA PRO B 122 1.03 47.41 25.68
C PRO B 122 0.01 48.32 25.00
N SER B 123 -0.48 47.89 23.85
CA SER B 123 -1.46 48.68 23.11
C SER B 123 -2.76 48.76 23.89
N SER B 124 -3.52 49.84 23.63
CA SER B 124 -4.80 50.00 24.29
C SER B 124 -5.79 48.92 23.89
N GLU B 125 -5.65 48.37 22.68
CA GLU B 125 -6.52 47.28 22.24
C GLU B 125 -6.24 46.00 23.03
N GLU B 126 -4.97 45.70 23.25
CA GLU B 126 -4.62 44.49 24.00
C GLU B 126 -5.04 44.61 25.46
N LEU B 127 -4.89 45.81 26.05
CA LEU B 127 -5.30 46.00 27.44
C LEU B 127 -6.80 45.83 27.62
N GLN B 128 -7.59 46.20 26.59
CA GLN B 128 -9.02 46.00 26.64
C GLN B 128 -9.39 44.53 26.52
N ALA B 129 -8.48 43.68 26.05
CA ALA B 129 -8.70 42.24 25.97
C ALA B 129 -8.07 41.50 27.14
N ASN B 130 -7.76 42.21 28.23
CA ASN B 130 -7.22 41.62 29.46
C ASN B 130 -5.89 40.91 29.21
N LYS B 131 -5.04 41.53 28.39
CA LYS B 131 -3.70 41.03 28.12
C LYS B 131 -2.74 42.22 28.04
N ALA B 132 -1.46 41.93 28.24
CA ALA B 132 -0.44 42.98 28.21
C ALA B 132 0.89 42.35 27.79
N THR B 133 1.47 42.87 26.72
CA THR B 133 2.75 42.37 26.21
C THR B 133 3.67 43.53 25.90
N LEU B 134 4.89 43.47 26.42
CA LEU B 134 5.92 44.46 26.14
C LEU B 134 6.86 43.94 25.07
N VAL B 135 7.06 44.74 24.03
CA VAL B 135 7.82 44.33 22.85
C VAL B 135 9.14 45.11 22.84
N CYS B 136 10.25 44.41 23.09
CA CYS B 136 11.58 44.99 23.06
C CYS B 136 12.33 44.48 21.84
N LEU B 137 12.72 45.39 20.96
CA LEU B 137 13.27 45.06 19.65
C LEU B 137 14.73 45.49 19.58
N ILE B 138 15.59 44.56 19.18
CA ILE B 138 17.04 44.78 19.13
C ILE B 138 17.50 44.55 17.71
N SER B 139 18.14 45.55 17.11
CA SER B 139 18.56 45.44 15.71
C SER B 139 19.86 46.19 15.50
N ASP B 140 20.55 45.82 14.42
CA ASP B 140 21.78 46.47 13.97
C ASP B 140 22.85 46.47 15.06
N PHE B 141 23.26 45.26 15.42
CA PHE B 141 24.37 45.05 16.35
C PHE B 141 25.26 43.93 15.83
N TYR B 142 26.50 43.93 16.31
CA TYR B 142 27.51 42.97 15.92
C TYR B 142 28.57 42.95 17.01
N PRO B 143 29.02 41.76 17.46
CA PRO B 143 28.63 40.44 16.96
C PRO B 143 27.27 39.95 17.45
N GLY B 144 26.79 38.84 16.89
CA GLY B 144 25.47 38.33 17.22
C GLY B 144 25.36 37.64 18.56
N ALA B 145 25.56 38.40 19.64
CA ALA B 145 25.43 37.86 20.99
C ALA B 145 24.98 38.99 21.91
N VAL B 146 23.90 38.75 22.66
CA VAL B 146 23.30 39.79 23.48
C VAL B 146 22.54 39.14 24.62
N THR B 147 22.66 39.73 25.81
CA THR B 147 21.90 39.32 26.98
C THR B 147 20.84 40.36 27.30
N VAL B 148 19.59 39.92 27.40
CA VAL B 148 18.46 40.80 27.66
C VAL B 148 17.97 40.56 29.09
N ALA B 149 17.60 41.64 29.76
CA ALA B 149 17.11 41.57 31.13
C ALA B 149 16.01 42.61 31.32
N TRP B 150 14.90 42.18 31.92
CA TRP B 150 13.77 43.06 32.18
C TRP B 150 13.80 43.55 33.63
N LYS B 151 13.19 44.71 33.86
CA LYS B 151 13.18 45.34 35.17
C LYS B 151 11.80 45.91 35.44
N ALA B 152 11.26 45.63 36.62
CA ALA B 152 10.05 46.26 37.12
C ALA B 152 10.46 47.34 38.12
N ASP B 153 10.10 48.58 37.83
CA ASP B 153 10.59 49.73 38.59
C ASP B 153 12.12 49.70 38.63
N SER B 154 12.67 49.03 39.63
CA SER B 154 14.12 48.85 39.74
C SER B 154 14.51 47.42 40.04
N SER B 155 13.54 46.50 40.19
CA SER B 155 13.76 45.10 40.48
C SER B 155 13.62 44.26 39.21
N PRO B 156 14.40 43.18 39.09
CA PRO B 156 14.35 42.37 37.87
C PRO B 156 13.07 41.57 37.76
N VAL B 157 12.84 41.04 36.55
CA VAL B 157 11.71 40.17 36.27
C VAL B 157 12.20 39.02 35.40
N LYS B 158 11.88 37.78 35.80
CA LYS B 158 12.29 36.60 35.06
C LYS B 158 11.14 35.81 34.48
N ALA B 159 9.93 35.93 35.01
CA ALA B 159 8.79 35.15 34.53
C ALA B 159 8.09 35.87 33.39
N GLY B 160 7.66 35.10 32.40
CA GLY B 160 6.93 35.66 31.28
C GLY B 160 7.81 36.35 30.25
N VAL B 161 9.09 35.99 30.17
CA VAL B 161 10.03 36.58 29.23
C VAL B 161 10.36 35.55 28.16
N GLU B 162 10.21 35.95 26.90
CA GLU B 162 10.62 35.13 25.76
C GLU B 162 11.54 35.96 24.89
N THR B 163 12.68 35.38 24.50
CA THR B 163 13.70 36.10 23.74
C THR B 163 14.15 35.25 22.56
N THR B 164 14.22 35.87 21.38
CA THR B 164 14.74 35.21 20.18
C THR B 164 16.23 34.94 20.31
N THR B 165 16.70 34.08 19.45
CA THR B 165 18.13 33.96 19.22
C THR B 165 18.56 34.94 18.13
N PRO B 166 19.75 35.52 18.24
CA PRO B 166 20.20 36.49 17.23
C PRO B 166 20.22 35.86 15.84
N SER B 167 19.69 36.60 14.87
CA SER B 167 19.66 36.18 13.48
C SER B 167 20.34 37.25 12.62
N LYS B 168 21.18 36.80 11.69
CA LYS B 168 21.96 37.73 10.88
C LYS B 168 21.05 38.45 9.89
N GLN B 169 21.21 39.77 9.80
CA GLN B 169 20.42 40.59 8.88
C GLN B 169 21.03 40.52 7.48
N SER B 170 20.47 41.31 6.56
CA SER B 170 21.01 41.35 5.21
C SER B 170 22.35 42.08 5.16
N ASN B 171 22.56 43.05 6.05
CA ASN B 171 23.81 43.80 6.10
C ASN B 171 24.88 43.11 6.95
N ASN B 172 24.78 41.80 7.13
CA ASN B 172 25.68 40.98 7.93
C ASN B 172 25.67 41.35 9.42
N LYS B 173 24.77 42.24 9.84
CA LYS B 173 24.57 42.51 11.26
C LYS B 173 23.50 41.57 11.80
N TYR B 174 23.19 41.69 13.09
CA TYR B 174 22.30 40.74 13.76
C TYR B 174 21.13 41.49 14.41
N ALA B 175 20.05 40.75 14.63
CA ALA B 175 18.82 41.31 15.19
C ALA B 175 18.16 40.29 16.11
N ALA B 176 17.36 40.79 17.05
CA ALA B 176 16.62 39.96 17.99
C ALA B 176 15.46 40.77 18.55
N SER B 177 14.63 40.09 19.34
CA SER B 177 13.44 40.72 19.92
C SER B 177 12.99 39.90 21.13
N SER B 178 12.76 40.58 22.26
CA SER B 178 12.29 39.93 23.47
C SER B 178 10.89 40.42 23.82
N TYR B 179 10.10 39.53 24.41
CA TYR B 179 8.71 39.80 24.76
C TYR B 179 8.47 39.51 26.23
N LEU B 180 7.80 40.44 26.92
CA LEU B 180 7.44 40.27 28.33
C LEU B 180 5.92 40.29 28.45
N SER B 181 5.35 39.12 28.76
CA SER B 181 3.91 39.00 28.94
C SER B 181 3.55 39.33 30.39
N LEU B 182 2.59 40.24 30.56
CA LEU B 182 2.13 40.66 31.88
C LEU B 182 0.61 40.69 31.88
N THR B 183 0.06 40.87 33.08
CA THR B 183 -1.37 41.09 33.20
C THR B 183 -1.66 42.59 33.22
N PRO B 184 -2.85 43.01 32.82
CA PRO B 184 -3.18 44.45 32.85
C PRO B 184 -3.05 45.07 34.24
N GLU B 185 -3.06 44.26 35.30
CA GLU B 185 -2.89 44.79 36.64
C GLU B 185 -1.42 44.96 37.00
N GLN B 186 -0.55 44.10 36.47
CA GLN B 186 0.89 44.24 36.74
C GLN B 186 1.48 45.44 35.98
N TRP B 187 0.99 45.68 34.75
CA TRP B 187 1.51 46.79 33.97
C TRP B 187 1.14 48.14 34.57
N LYS B 188 -0.04 48.23 35.19
CA LYS B 188 -0.50 49.48 35.79
C LYS B 188 -0.12 49.63 37.25
N SER B 189 0.43 48.58 37.88
CA SER B 189 0.84 48.67 39.27
C SER B 189 2.20 49.35 39.40
N HIS B 190 3.16 48.94 38.59
CA HIS B 190 4.50 49.50 38.64
C HIS B 190 4.56 50.82 37.87
N ARG B 191 5.49 51.68 38.29
CA ARG B 191 5.62 53.00 37.69
C ARG B 191 6.25 52.94 36.30
N SER B 192 7.11 51.95 36.05
CA SER B 192 7.76 51.83 34.75
C SER B 192 8.32 50.42 34.59
N TYR B 193 8.59 50.06 33.34
CA TYR B 193 9.27 48.82 33.01
C TYR B 193 10.41 49.13 32.06
N SER B 194 11.52 48.40 32.22
CA SER B 194 12.73 48.66 31.46
C SER B 194 13.21 47.40 30.78
N CYS B 195 13.75 47.56 29.57
CA CYS B 195 14.37 46.49 28.81
C CYS B 195 15.86 46.80 28.72
N GLN B 196 16.68 46.02 29.41
CA GLN B 196 18.12 46.20 29.41
C GLN B 196 18.76 45.24 28.42
N VAL B 197 19.57 45.78 27.52
CA VAL B 197 20.18 45.04 26.42
C VAL B 197 21.69 45.14 26.58
N THR B 198 22.31 44.04 27.00
CA THR B 198 23.75 44.00 27.23
C THR B 198 24.45 43.44 25.98
N HIS B 199 25.57 44.07 25.61
CA HIS B 199 26.29 43.69 24.39
C HIS B 199 27.73 44.15 24.54
N GLU B 200 28.66 43.20 24.68
CA GLU B 200 30.09 43.48 24.80
C GLU B 200 30.38 44.37 26.01
N GLY B 201 29.75 44.05 27.13
CA GLY B 201 29.93 44.82 28.35
C GLY B 201 29.04 46.05 28.42
N SER B 202 28.80 46.68 27.28
CA SER B 202 27.92 47.84 27.23
C SER B 202 26.46 47.41 27.38
N THR B 203 25.67 48.29 28.00
CA THR B 203 24.26 48.01 28.28
C THR B 203 23.41 49.21 27.88
N VAL B 204 22.54 49.01 26.88
CA VAL B 204 21.57 50.01 26.45
C VAL B 204 20.24 49.68 27.10
N GLU B 205 19.59 50.69 27.68
CA GLU B 205 18.38 50.50 28.47
C GLU B 205 17.29 51.47 28.02
N LYS B 206 16.11 50.94 27.74
CA LYS B 206 14.94 51.71 27.36
C LYS B 206 13.81 51.47 28.36
N THR B 207 13.02 52.51 28.61
CA THR B 207 11.98 52.45 29.64
C THR B 207 10.68 53.01 29.10
N VAL B 208 9.57 52.38 29.49
CA VAL B 208 8.23 52.85 29.15
C VAL B 208 7.42 53.01 30.43
N ALA B 209 6.37 53.82 30.34
CA ALA B 209 5.51 54.12 31.47
C ALA B 209 4.05 53.96 31.08
N PRO B 210 3.18 53.69 32.04
CA PRO B 210 1.74 53.58 31.73
C PRO B 210 1.17 54.92 31.31
N THR B 211 0.23 54.86 30.36
CA THR B 211 -0.43 56.03 29.80
C THR B 211 0.56 57.08 29.30
N ASN C 8 15.39 20.00 -40.01
CA ASN C 8 16.33 19.04 -39.45
C ASN C 8 15.68 17.68 -39.19
N LEU C 9 16.28 16.89 -38.31
CA LEU C 9 15.81 15.55 -38.00
C LEU C 9 14.98 15.55 -36.73
N CYS C 10 14.08 14.57 -36.61
CA CYS C 10 13.21 14.47 -35.44
C CYS C 10 13.97 13.87 -34.26
N PRO C 11 13.65 14.29 -33.05
CA PRO C 11 14.39 13.82 -31.86
C PRO C 11 13.92 12.46 -31.36
N PHE C 12 13.96 11.46 -32.26
CA PHE C 12 13.60 10.10 -31.87
C PHE C 12 14.61 9.50 -30.91
N GLY C 13 15.88 9.89 -31.02
CA GLY C 13 16.91 9.39 -30.14
C GLY C 13 16.78 9.85 -28.71
N GLU C 14 16.04 10.93 -28.47
CA GLU C 14 15.85 11.40 -27.10
C GLU C 14 14.85 10.53 -26.36
N VAL C 15 13.81 10.07 -27.04
CA VAL C 15 12.76 9.32 -26.36
C VAL C 15 13.17 7.86 -26.17
N PHE C 16 13.53 7.19 -27.27
CA PHE C 16 13.86 5.77 -27.18
C PHE C 16 15.10 5.53 -26.33
N ASN C 17 16.18 6.24 -26.65
CA ASN C 17 17.43 6.12 -25.90
C ASN C 17 17.48 7.02 -24.68
N ALA C 18 16.33 7.28 -24.05
CA ALA C 18 16.29 8.13 -22.86
C ALA C 18 16.95 7.42 -21.68
N THR C 19 17.48 8.22 -20.74
CA THR C 19 18.17 7.66 -19.59
C THR C 19 17.22 6.85 -18.73
N ARG C 20 16.07 7.43 -18.39
CA ARG C 20 15.08 6.71 -17.59
C ARG C 20 13.70 7.05 -18.11
N PHE C 21 12.79 6.09 -17.96
CA PHE C 21 11.42 6.20 -18.43
C PHE C 21 10.48 6.43 -17.25
N ALA C 22 9.29 6.94 -17.56
CA ALA C 22 8.32 7.25 -16.54
C ALA C 22 7.53 6.00 -16.13
N SER C 23 6.86 6.10 -14.99
CA SER C 23 5.93 5.06 -14.60
C SER C 23 4.75 5.04 -15.57
N VAL C 24 4.05 3.90 -15.60
CA VAL C 24 2.96 3.76 -16.55
C VAL C 24 1.79 4.67 -16.17
N TYR C 25 1.52 4.81 -14.88
CA TYR C 25 0.41 5.67 -14.46
C TYR C 25 0.70 7.13 -14.79
N ALA C 26 1.95 7.55 -14.67
CA ALA C 26 2.39 8.89 -15.05
C ALA C 26 3.13 8.86 -16.37
N TRP C 27 2.54 8.22 -17.37
CA TRP C 27 3.19 8.07 -18.66
C TRP C 27 3.45 9.44 -19.29
N ASN C 28 4.66 9.60 -19.81
CA ASN C 28 5.09 10.86 -20.38
C ASN C 28 4.66 10.97 -21.84
N ARG C 29 4.53 12.21 -22.32
CA ARG C 29 4.16 12.49 -23.69
C ARG C 29 5.06 13.59 -24.22
N LYS C 30 5.76 13.32 -25.33
CA LYS C 30 6.55 14.33 -26.01
C LYS C 30 5.94 14.61 -27.38
N ARG C 31 5.69 15.88 -27.65
CA ARG C 31 5.14 16.30 -28.94
C ARG C 31 6.27 16.49 -29.93
N ILE C 32 6.14 15.87 -31.11
CA ILE C 32 7.16 15.92 -32.16
C ILE C 32 6.53 16.56 -33.39
N SER C 33 7.15 17.64 -33.88
CA SER C 33 6.64 18.36 -35.03
C SER C 33 7.76 19.16 -35.65
N ASN C 34 7.52 19.63 -36.88
CA ASN C 34 8.45 20.48 -37.63
C ASN C 34 9.83 19.81 -37.75
N CYS C 35 9.81 18.59 -38.29
CA CYS C 35 11.03 17.83 -38.49
C CYS C 35 10.76 16.70 -39.46
N VAL C 36 11.83 16.23 -40.12
CA VAL C 36 11.75 15.10 -41.04
C VAL C 36 12.08 13.83 -40.27
N ALA C 37 11.13 12.90 -40.24
CA ALA C 37 11.28 11.67 -39.47
C ALA C 37 11.89 10.60 -40.36
N ASP C 38 13.01 10.02 -39.90
CA ASP C 38 13.67 8.93 -40.60
C ASP C 38 13.28 7.64 -39.87
N TYR C 39 12.13 7.07 -40.27
CA TYR C 39 11.64 5.85 -39.63
C TYR C 39 12.49 4.63 -39.93
N SER C 40 13.44 4.72 -40.88
CA SER C 40 14.28 3.58 -41.19
C SER C 40 15.15 3.16 -40.02
N VAL C 41 15.44 4.09 -39.10
CA VAL C 41 16.23 3.75 -37.92
C VAL C 41 15.46 2.82 -36.99
N LEU C 42 14.12 2.84 -37.07
CA LEU C 42 13.31 2.09 -36.13
C LEU C 42 12.98 0.68 -36.63
N TYR C 43 12.33 0.58 -37.80
CA TYR C 43 11.88 -0.73 -38.27
C TYR C 43 13.01 -1.62 -38.73
N ASN C 44 14.21 -1.08 -38.95
CA ASN C 44 15.38 -1.88 -39.30
C ASN C 44 16.25 -2.18 -38.09
N SER C 45 15.70 -2.06 -36.88
CA SER C 45 16.43 -2.34 -35.65
C SER C 45 15.99 -3.69 -35.10
N ALA C 46 16.95 -4.59 -34.91
CA ALA C 46 16.69 -5.91 -34.36
C ALA C 46 16.69 -5.94 -32.84
N SER C 47 16.65 -4.78 -32.19
CA SER C 47 16.67 -4.71 -30.74
C SER C 47 15.28 -4.63 -30.12
N PHE C 48 14.23 -4.50 -30.93
CA PHE C 48 12.87 -4.37 -30.41
C PHE C 48 12.23 -5.75 -30.32
N SER C 49 11.59 -6.01 -29.19
CA SER C 49 10.88 -7.27 -28.99
C SER C 49 9.45 -7.20 -29.50
N THR C 50 8.78 -6.06 -29.34
CA THR C 50 7.41 -5.88 -29.81
C THR C 50 7.36 -4.67 -30.74
N PHE C 51 6.67 -4.83 -31.87
CA PHE C 51 6.57 -3.75 -32.85
C PHE C 51 5.34 -4.05 -33.72
N LYS C 52 4.20 -3.51 -33.29
CA LYS C 52 2.94 -3.64 -34.02
C LYS C 52 2.44 -2.25 -34.40
N CYS C 53 1.98 -2.12 -35.64
CA CYS C 53 1.42 -0.88 -36.15
C CYS C 53 -0.04 -1.11 -36.54
N TYR C 54 -0.89 -0.15 -36.19
CA TYR C 54 -2.32 -0.24 -36.43
C TYR C 54 -2.75 0.88 -37.36
N GLY C 55 -3.26 0.50 -38.54
CA GLY C 55 -3.73 1.47 -39.50
C GLY C 55 -2.70 1.97 -40.48
N VAL C 56 -1.41 1.69 -40.26
CA VAL C 56 -0.35 2.14 -41.14
C VAL C 56 0.67 1.01 -41.28
N SER C 57 1.26 0.91 -42.48
CA SER C 57 2.33 -0.06 -42.68
C SER C 57 3.66 0.54 -42.21
N PRO C 58 4.50 -0.26 -41.53
CA PRO C 58 5.73 0.32 -40.96
C PRO C 58 6.70 0.83 -42.01
N THR C 59 7.00 0.03 -43.02
CA THR C 59 7.98 0.43 -44.03
C THR C 59 7.49 1.58 -44.89
N LYS C 60 6.18 1.72 -45.05
CA LYS C 60 5.59 2.71 -45.95
C LYS C 60 5.18 3.99 -45.22
N LEU C 61 5.98 4.44 -44.25
CA LEU C 61 5.69 5.66 -43.51
C LEU C 61 6.56 6.84 -43.90
N ASN C 62 7.69 6.60 -44.56
CA ASN C 62 8.59 7.69 -44.92
C ASN C 62 8.00 8.59 -46.00
N ASP C 63 6.99 8.13 -46.73
CA ASP C 63 6.32 8.91 -47.75
C ASP C 63 4.98 9.46 -47.29
N LEU C 64 4.74 9.48 -45.98
CA LEU C 64 3.52 10.03 -45.41
C LEU C 64 3.87 11.21 -44.51
N CYS C 65 2.95 12.16 -44.44
CA CYS C 65 3.11 13.34 -43.59
C CYS C 65 1.93 13.42 -42.62
N PHE C 66 2.18 14.00 -41.45
CA PHE C 66 1.18 14.13 -40.41
C PHE C 66 1.31 15.48 -39.73
N THR C 67 0.19 15.97 -39.20
CA THR C 67 0.20 17.27 -38.53
C THR C 67 0.96 17.21 -37.21
N ASN C 68 0.75 16.16 -36.42
CA ASN C 68 1.42 15.99 -35.14
C ASN C 68 1.76 14.52 -34.93
N VAL C 69 2.88 14.29 -34.25
CA VAL C 69 3.33 12.95 -33.88
C VAL C 69 3.63 12.95 -32.39
N TYR C 70 2.88 12.15 -31.63
CA TYR C 70 3.03 12.08 -30.19
C TYR C 70 3.77 10.81 -29.80
N ALA C 71 4.73 10.93 -28.88
CA ALA C 71 5.50 9.79 -28.39
C ALA C 71 5.22 9.63 -26.90
N ASP C 72 4.63 8.49 -26.55
CA ASP C 72 4.27 8.18 -25.17
C ASP C 72 5.16 7.05 -24.68
N SER C 73 5.89 7.30 -23.58
CA SER C 73 6.86 6.35 -23.05
C SER C 73 6.54 6.03 -21.60
N PHE C 74 6.77 4.78 -21.22
CA PHE C 74 6.59 4.30 -19.85
C PHE C 74 7.20 2.90 -19.76
N VAL C 75 7.04 2.25 -18.61
CA VAL C 75 7.60 0.92 -18.37
C VAL C 75 6.55 0.08 -17.65
N ILE C 76 6.33 -1.14 -18.14
CA ILE C 76 5.37 -2.08 -17.58
C ILE C 76 6.02 -3.47 -17.53
N ARG C 77 5.29 -4.43 -16.97
CA ARG C 77 5.74 -5.81 -16.98
C ARG C 77 5.67 -6.38 -18.39
N GLY C 78 6.41 -7.46 -18.61
CA GLY C 78 6.38 -8.11 -19.91
C GLY C 78 5.01 -8.70 -20.23
N ASP C 79 4.36 -9.28 -19.24
CA ASP C 79 3.01 -9.81 -19.44
C ASP C 79 2.02 -8.71 -19.80
N GLU C 80 2.25 -7.50 -19.28
CA GLU C 80 1.32 -6.40 -19.48
C GLU C 80 1.52 -5.68 -20.81
N VAL C 81 2.51 -6.08 -21.62
CA VAL C 81 2.72 -5.42 -22.91
C VAL C 81 1.55 -5.69 -23.85
N ARG C 82 0.91 -6.85 -23.73
CA ARG C 82 -0.20 -7.18 -24.61
C ARG C 82 -1.39 -6.26 -24.40
N GLN C 83 -1.43 -5.50 -23.31
CA GLN C 83 -2.51 -4.57 -23.05
C GLN C 83 -2.36 -3.24 -23.78
N ILE C 84 -1.19 -2.98 -24.35
CA ILE C 84 -0.95 -1.75 -25.12
C ILE C 84 -1.42 -2.00 -26.54
N ALA C 85 -2.73 -2.09 -26.73
CA ALA C 85 -3.33 -2.37 -28.02
C ALA C 85 -4.79 -1.94 -27.97
N PRO C 86 -5.38 -1.62 -29.12
CA PRO C 86 -6.81 -1.25 -29.14
C PRO C 86 -7.68 -2.40 -28.65
N GLY C 87 -8.72 -2.05 -27.91
CA GLY C 87 -9.69 -3.03 -27.46
C GLY C 87 -9.16 -4.07 -26.49
N GLN C 88 -8.26 -3.67 -25.60
CA GLN C 88 -7.69 -4.56 -24.59
C GLN C 88 -8.16 -4.13 -23.19
N THR C 89 -8.19 -5.10 -22.27
CA THR C 89 -8.58 -4.84 -20.90
C THR C 89 -7.48 -5.30 -19.95
N GLY C 90 -7.55 -4.82 -18.71
CA GLY C 90 -6.54 -5.13 -17.71
C GLY C 90 -6.11 -3.91 -16.92
N LYS C 91 -5.32 -4.11 -15.85
CA LYS C 91 -4.98 -2.99 -14.97
C LYS C 91 -4.28 -1.86 -15.72
N ILE C 92 -3.45 -2.21 -16.71
CA ILE C 92 -2.72 -1.19 -17.47
C ILE C 92 -3.66 -0.47 -18.44
N ALA C 93 -4.39 -1.23 -19.24
CA ALA C 93 -5.29 -0.61 -20.22
C ALA C 93 -6.45 0.11 -19.57
N ASP C 94 -6.91 -0.36 -18.41
CA ASP C 94 -8.09 0.22 -17.78
C ASP C 94 -7.75 1.40 -16.87
N TYR C 95 -6.67 1.31 -16.10
CA TYR C 95 -6.39 2.28 -15.04
C TYR C 95 -5.07 3.02 -15.24
N ASN C 96 -4.40 2.85 -16.38
CA ASN C 96 -3.10 3.48 -16.54
C ASN C 96 -2.92 4.12 -17.92
N TYR C 97 -2.95 3.32 -18.97
CA TYR C 97 -2.75 3.82 -20.33
C TYR C 97 -3.73 3.09 -21.26
N LYS C 98 -4.70 3.84 -21.79
CA LYS C 98 -5.75 3.27 -22.62
C LYS C 98 -5.60 3.78 -24.06
N LEU C 99 -5.53 2.85 -25.00
CA LEU C 99 -5.49 3.21 -26.42
C LEU C 99 -6.88 3.14 -27.01
N PRO C 100 -7.23 4.06 -27.90
CA PRO C 100 -8.57 4.03 -28.51
C PRO C 100 -8.73 2.84 -29.46
N ASP C 101 -9.98 2.47 -29.69
CA ASP C 101 -10.26 1.36 -30.59
C ASP C 101 -9.87 1.70 -32.02
N ASP C 102 -9.94 2.98 -32.41
CA ASP C 102 -9.50 3.45 -33.72
C ASP C 102 -8.09 4.00 -33.68
N PHE C 103 -7.17 3.31 -33.01
CA PHE C 103 -5.81 3.81 -32.85
C PHE C 103 -5.06 3.75 -34.18
N THR C 104 -4.44 4.88 -34.55
CA THR C 104 -3.65 4.99 -35.77
C THR C 104 -2.21 5.28 -35.36
N GLY C 105 -1.43 4.23 -35.17
CA GLY C 105 -0.05 4.41 -34.77
C GLY C 105 0.66 3.09 -34.61
N CYS C 106 1.82 3.14 -33.95
CA CYS C 106 2.64 1.96 -33.71
C CYS C 106 3.00 1.88 -32.22
N VAL C 107 3.16 0.65 -31.75
CA VAL C 107 3.55 0.37 -30.37
C VAL C 107 4.89 -0.35 -30.41
N ILE C 108 5.88 0.22 -29.73
CA ILE C 108 7.25 -0.31 -29.71
C ILE C 108 7.63 -0.59 -28.27
N ALA C 109 8.17 -1.78 -28.02
CA ALA C 109 8.57 -2.19 -26.69
C ALA C 109 9.81 -3.07 -26.79
N TRP C 110 10.60 -3.08 -25.72
CA TRP C 110 11.80 -3.90 -25.67
C TRP C 110 12.10 -4.21 -24.21
N ASN C 111 12.80 -5.33 -23.99
CA ASN C 111 13.16 -5.74 -22.64
C ASN C 111 14.20 -4.78 -22.07
N SER C 112 13.98 -4.34 -20.83
CA SER C 112 14.88 -3.42 -20.14
C SER C 112 15.21 -3.92 -18.75
N ASN C 113 15.28 -5.24 -18.58
CA ASN C 113 15.66 -5.79 -17.29
C ASN C 113 17.04 -5.31 -16.85
N ASN C 114 17.93 -5.07 -17.82
CA ASN C 114 19.28 -4.61 -17.50
C ASN C 114 19.33 -3.17 -17.04
N LEU C 115 18.24 -2.42 -17.17
CA LEU C 115 18.22 -1.01 -16.83
C LEU C 115 17.28 -0.66 -15.68
N ASP C 116 16.08 -1.22 -15.67
CA ASP C 116 15.04 -0.78 -14.74
C ASP C 116 14.85 -1.71 -13.55
N SER C 117 15.60 -2.81 -13.47
CA SER C 117 15.48 -3.77 -12.38
C SER C 117 16.58 -3.53 -11.36
N LYS C 118 16.21 -3.52 -10.08
CA LYS C 118 17.14 -3.37 -8.98
C LYS C 118 17.19 -4.64 -8.15
N VAL C 119 18.35 -4.90 -7.55
CA VAL C 119 18.49 -6.07 -6.69
C VAL C 119 17.61 -5.93 -5.46
N GLY C 120 17.76 -4.83 -4.73
CA GLY C 120 16.95 -4.62 -3.53
C GLY C 120 15.49 -4.36 -3.83
N GLY C 121 15.19 -3.79 -5.00
CA GLY C 121 13.83 -3.46 -5.34
C GLY C 121 13.68 -2.02 -5.78
N ASN C 122 13.30 -1.81 -7.03
CA ASN C 122 13.18 -0.47 -7.56
C ASN C 122 11.95 0.23 -6.99
N TYR C 123 12.04 1.55 -6.87
CA TYR C 123 10.93 2.38 -6.42
C TYR C 123 10.52 3.43 -7.45
N ASN C 124 11.17 3.45 -8.61
CA ASN C 124 10.95 4.49 -9.61
C ASN C 124 9.83 4.15 -10.58
N TYR C 125 9.32 2.92 -10.58
CA TYR C 125 8.30 2.49 -11.52
C TYR C 125 7.09 2.00 -10.75
N LEU C 126 5.96 2.66 -10.93
CA LEU C 126 4.73 2.35 -10.23
C LEU C 126 3.61 2.12 -11.24
N TYR C 127 2.49 1.59 -10.75
CA TYR C 127 1.29 1.42 -11.56
C TYR C 127 0.07 1.69 -10.70
N ARG C 128 -1.02 2.10 -11.34
CA ARG C 128 -2.26 2.37 -10.64
C ARG C 128 -3.06 1.08 -10.47
N LEU C 129 -3.41 0.76 -9.23
CA LEU C 129 -4.10 -0.47 -8.87
C LEU C 129 -5.60 -0.29 -8.69
N PHE C 130 -6.04 0.77 -8.01
CA PHE C 130 -7.45 1.01 -7.75
C PHE C 130 -7.92 2.27 -8.46
N ARG C 131 -9.10 2.19 -9.08
CA ARG C 131 -9.72 3.34 -9.71
C ARG C 131 -11.20 3.03 -9.91
N LYS C 132 -12.04 4.07 -9.80
CA LYS C 132 -13.47 3.87 -9.86
C LYS C 132 -13.94 3.49 -11.27
N SER C 133 -13.27 3.98 -12.30
CA SER C 133 -13.72 3.73 -13.66
C SER C 133 -12.52 3.66 -14.60
N ASN C 134 -12.76 3.07 -15.77
CA ASN C 134 -11.70 2.94 -16.77
C ASN C 134 -11.36 4.29 -17.39
N LEU C 135 -10.08 4.45 -17.75
CA LEU C 135 -9.64 5.69 -18.34
C LEU C 135 -10.15 5.84 -19.77
N LYS C 136 -10.38 7.09 -20.17
CA LYS C 136 -10.65 7.39 -21.57
C LYS C 136 -9.37 7.20 -22.38
N PRO C 137 -9.47 7.04 -23.69
CA PRO C 137 -8.27 6.93 -24.52
C PRO C 137 -7.37 8.15 -24.36
N PHE C 138 -6.07 7.88 -24.15
CA PHE C 138 -5.05 8.91 -23.96
C PHE C 138 -5.33 9.79 -22.75
N GLU C 139 -5.92 9.22 -21.71
CA GLU C 139 -6.12 9.92 -20.45
C GLU C 139 -4.97 9.58 -19.49
N ARG C 140 -4.62 10.56 -18.66
CA ARG C 140 -3.50 10.42 -17.72
C ARG C 140 -4.01 10.79 -16.33
N ASP C 141 -3.84 9.88 -15.37
CA ASP C 141 -4.29 10.08 -14.00
C ASP C 141 -3.09 9.87 -13.08
N ILE C 142 -2.57 10.96 -12.54
CA ILE C 142 -1.47 10.93 -11.59
C ILE C 142 -1.93 11.27 -10.18
N SER C 143 -3.23 11.23 -9.94
CA SER C 143 -3.77 11.52 -8.62
C SER C 143 -3.36 10.44 -7.63
N THR C 144 -3.19 10.83 -6.37
CA THR C 144 -2.82 9.92 -5.31
C THR C 144 -3.84 9.95 -4.16
N GLU C 145 -5.10 10.16 -4.50
CA GLU C 145 -6.15 10.17 -3.49
C GLU C 145 -6.37 8.77 -2.94
N ILE C 146 -6.54 8.69 -1.61
CA ILE C 146 -6.79 7.40 -0.97
C ILE C 146 -8.08 6.80 -1.51
N TYR C 147 -7.97 5.56 -2.01
CA TYR C 147 -9.10 4.90 -2.66
C TYR C 147 -10.03 4.32 -1.60
N GLN C 148 -11.28 4.77 -1.62
CA GLN C 148 -12.29 4.28 -0.69
C GLN C 148 -12.95 3.04 -1.29
N ALA C 149 -12.67 1.89 -0.71
CA ALA C 149 -13.28 0.63 -1.16
C ALA C 149 -14.47 0.22 -0.33
N GLY C 150 -14.59 0.71 0.91
CA GLY C 150 -15.64 0.32 1.80
C GLY C 150 -16.80 1.30 1.81
N SER C 151 -17.68 1.11 2.79
CA SER C 151 -18.86 1.96 2.92
C SER C 151 -18.51 3.30 3.59
N THR C 152 -17.60 3.27 4.58
CA THR C 152 -17.22 4.49 5.30
C THR C 152 -16.08 5.21 4.58
N PRO C 153 -16.04 6.54 4.66
CA PRO C 153 -14.98 7.29 3.99
C PRO C 153 -13.64 7.12 4.69
N CYS C 154 -12.59 7.58 4.01
CA CYS C 154 -11.22 7.42 4.46
C CYS C 154 -10.57 8.71 4.93
N ASN C 155 -11.06 9.86 4.47
CA ASN C 155 -10.48 11.19 4.74
C ASN C 155 -8.95 11.15 4.71
N GLY C 156 -8.42 10.55 3.64
CA GLY C 156 -6.99 10.58 3.38
C GLY C 156 -6.13 9.77 4.32
N VAL C 157 -6.69 8.78 5.00
CA VAL C 157 -5.96 7.93 5.94
C VAL C 157 -6.08 6.50 5.49
N GLU C 158 -4.95 5.80 5.39
CA GLU C 158 -4.98 4.41 4.99
C GLU C 158 -5.58 3.55 6.09
N GLY C 159 -5.77 2.28 5.78
CA GLY C 159 -6.39 1.33 6.68
C GLY C 159 -7.25 0.37 5.90
N PHE C 160 -8.13 -0.32 6.64
CA PHE C 160 -9.01 -1.30 6.00
C PHE C 160 -10.00 -0.59 5.08
N ASN C 161 -10.19 -1.15 3.89
CA ASN C 161 -11.02 -0.55 2.84
C ASN C 161 -10.57 0.86 2.48
N CYS C 162 -9.29 1.19 2.72
CA CYS C 162 -8.73 2.51 2.43
C CYS C 162 -7.29 2.30 1.97
N TYR C 163 -7.14 2.02 0.68
CA TYR C 163 -5.87 1.61 0.11
C TYR C 163 -5.31 2.72 -0.77
N PHE C 164 -3.99 2.86 -0.76
CA PHE C 164 -3.34 3.79 -1.66
C PHE C 164 -3.49 3.29 -3.09
N PRO C 165 -3.88 4.15 -4.03
CA PRO C 165 -4.24 3.66 -5.37
C PRO C 165 -3.06 3.17 -6.20
N LEU C 166 -1.83 3.51 -5.82
CA LEU C 166 -0.65 3.13 -6.57
C LEU C 166 0.07 1.96 -5.89
N GLN C 167 0.78 1.19 -6.71
CA GLN C 167 1.54 0.05 -6.23
C GLN C 167 2.86 -0.01 -6.99
N SER C 168 3.93 -0.36 -6.29
CA SER C 168 5.25 -0.45 -6.89
C SER C 168 5.46 -1.81 -7.54
N TYR C 169 6.17 -1.82 -8.67
CA TYR C 169 6.48 -3.08 -9.33
C TYR C 169 7.54 -3.86 -8.56
N GLY C 170 8.62 -3.19 -8.17
CA GLY C 170 9.73 -3.86 -7.53
C GLY C 170 10.43 -4.81 -8.47
N PHE C 171 10.93 -4.28 -9.58
CA PHE C 171 11.58 -5.11 -10.58
C PHE C 171 12.89 -5.68 -10.04
N GLN C 172 12.94 -7.00 -9.90
CA GLN C 172 14.17 -7.69 -9.55
C GLN C 172 14.73 -8.41 -10.78
N PRO C 173 16.06 -8.52 -10.89
CA PRO C 173 16.63 -9.20 -12.06
C PRO C 173 16.32 -10.69 -12.11
N THR C 174 15.99 -11.31 -10.98
CA THR C 174 15.70 -12.74 -10.94
C THR C 174 14.27 -13.07 -11.35
N ASN C 175 13.44 -12.08 -11.65
CA ASN C 175 12.08 -12.34 -12.07
C ASN C 175 12.06 -12.93 -13.48
N GLY C 176 10.96 -13.60 -13.80
CA GLY C 176 10.76 -14.11 -15.13
C GLY C 176 10.54 -12.99 -16.14
N VAL C 177 10.64 -13.36 -17.42
CA VAL C 177 10.49 -12.38 -18.49
C VAL C 177 9.12 -11.71 -18.47
N GLY C 178 8.12 -12.40 -17.91
CA GLY C 178 6.82 -11.78 -17.78
C GLY C 178 6.78 -10.69 -16.72
N TYR C 179 7.63 -10.80 -15.71
CA TYR C 179 7.70 -9.84 -14.62
C TYR C 179 8.87 -8.87 -14.76
N GLN C 180 9.67 -9.00 -15.83
CA GLN C 180 10.76 -8.08 -16.05
C GLN C 180 10.25 -6.78 -16.68
N PRO C 181 10.93 -5.66 -16.42
CA PRO C 181 10.45 -4.40 -16.98
C PRO C 181 10.69 -4.33 -18.49
N TYR C 182 9.74 -3.72 -19.18
CA TYR C 182 9.81 -3.51 -20.62
C TYR C 182 9.54 -2.04 -20.90
N ARG C 183 10.47 -1.38 -21.59
CA ARG C 183 10.29 0.03 -21.94
C ARG C 183 9.40 0.11 -23.17
N VAL C 184 8.28 0.80 -23.05
CA VAL C 184 7.29 0.93 -24.11
C VAL C 184 7.33 2.35 -24.65
N VAL C 185 7.24 2.49 -25.97
CA VAL C 185 7.11 3.78 -26.64
C VAL C 185 6.00 3.66 -27.66
N VAL C 186 4.96 4.48 -27.51
CA VAL C 186 3.79 4.47 -28.38
C VAL C 186 3.86 5.71 -29.26
N LEU C 187 3.85 5.50 -30.57
CA LEU C 187 3.83 6.58 -31.55
C LEU C 187 2.41 6.77 -32.05
N SER C 188 1.97 8.02 -32.11
CA SER C 188 0.61 8.37 -32.52
C SER C 188 0.66 9.30 -33.72
N PHE C 189 -0.26 9.08 -34.67
CA PHE C 189 -0.34 9.89 -35.88
C PHE C 189 -1.75 10.43 -36.04
N GLU C 190 -1.86 11.52 -36.79
CA GLU C 190 -3.16 12.14 -37.07
C GLU C 190 -3.09 13.01 -38.32
N GLU D 1 -21.79 -6.30 10.41
CA GLU D 1 -20.36 -6.23 10.14
C GLU D 1 -20.09 -6.48 8.65
N VAL D 2 -18.88 -6.92 8.35
CA VAL D 2 -18.48 -7.25 6.98
C VAL D 2 -18.83 -8.72 6.73
N GLN D 3 -19.67 -8.96 5.72
CA GLN D 3 -20.06 -10.32 5.40
C GLN D 3 -20.55 -10.36 3.95
N LEU D 4 -20.42 -11.54 3.35
CA LEU D 4 -20.93 -11.82 2.01
C LEU D 4 -21.89 -12.99 2.11
N LEU D 5 -23.15 -12.77 1.72
CA LEU D 5 -24.20 -13.78 1.81
C LEU D 5 -24.63 -14.15 0.40
N GLU D 6 -24.24 -15.34 -0.05
CA GLU D 6 -24.58 -15.83 -1.38
C GLU D 6 -25.75 -16.81 -1.32
N SER D 7 -26.50 -16.86 -2.41
CA SER D 7 -27.66 -17.75 -2.52
C SER D 7 -27.89 -18.08 -3.99
N GLY D 8 -28.80 -19.02 -4.22
CA GLY D 8 -29.17 -19.42 -5.57
C GLY D 8 -28.76 -20.83 -5.93
N GLY D 9 -27.94 -21.49 -5.12
CA GLY D 9 -27.51 -22.83 -5.44
C GLY D 9 -28.67 -23.81 -5.40
N ASP D 10 -28.67 -24.74 -6.35
CA ASP D 10 -29.78 -25.66 -6.54
C ASP D 10 -29.33 -26.80 -7.45
N LEU D 11 -30.17 -27.83 -7.53
CA LEU D 11 -29.93 -28.95 -8.43
C LEU D 11 -30.45 -28.61 -9.82
N ILE D 12 -29.63 -28.89 -10.85
CA ILE D 12 -29.97 -28.51 -12.21
C ILE D 12 -29.44 -29.56 -13.17
N GLN D 13 -30.18 -29.79 -14.26
CA GLN D 13 -29.75 -30.74 -15.27
C GLN D 13 -28.60 -30.16 -16.11
N PRO D 14 -27.76 -31.01 -16.67
CA PRO D 14 -26.71 -30.53 -17.57
C PRO D 14 -27.31 -29.82 -18.77
N GLY D 15 -26.64 -28.74 -19.20
CA GLY D 15 -27.14 -27.87 -20.24
C GLY D 15 -28.02 -26.74 -19.74
N GLY D 16 -28.58 -26.86 -18.55
CA GLY D 16 -29.45 -25.84 -18.00
C GLY D 16 -28.70 -24.58 -17.62
N SER D 17 -29.40 -23.73 -16.88
CA SER D 17 -28.85 -22.44 -16.49
C SER D 17 -29.24 -22.11 -15.06
N LEU D 18 -28.42 -21.30 -14.40
CA LEU D 18 -28.64 -20.91 -13.02
C LEU D 18 -27.94 -19.58 -12.77
N ARG D 19 -28.52 -18.79 -11.85
CA ARG D 19 -27.99 -17.48 -11.51
C ARG D 19 -27.74 -17.42 -10.00
N LEU D 20 -26.51 -17.10 -9.62
CA LEU D 20 -26.14 -17.00 -8.22
C LEU D 20 -25.99 -15.55 -7.81
N SER D 21 -26.41 -15.25 -6.59
CA SER D 21 -26.33 -13.91 -6.03
C SER D 21 -25.29 -13.84 -4.93
N CYS D 22 -24.90 -12.62 -4.57
CA CYS D 22 -23.93 -12.40 -3.48
C CYS D 22 -24.15 -10.97 -2.97
N ALA D 23 -25.00 -10.86 -1.95
CA ALA D 23 -25.26 -9.57 -1.33
C ALA D 23 -24.15 -9.23 -0.33
N ALA D 24 -23.70 -7.97 -0.36
CA ALA D 24 -22.56 -7.53 0.41
C ALA D 24 -22.98 -6.48 1.43
N SER D 25 -22.27 -6.47 2.56
CA SER D 25 -22.44 -5.46 3.59
C SER D 25 -21.07 -5.19 4.18
N GLY D 26 -20.73 -3.90 4.33
CA GLY D 26 -19.42 -3.51 4.78
C GLY D 26 -18.37 -3.39 3.69
N VAL D 27 -18.68 -3.86 2.47
CA VAL D 27 -17.77 -3.73 1.33
C VAL D 27 -18.61 -3.33 0.12
N THR D 28 -18.13 -2.31 -0.61
CA THR D 28 -18.79 -1.87 -1.84
C THR D 28 -18.38 -2.78 -3.00
N VAL D 29 -19.36 -3.46 -3.60
CA VAL D 29 -19.06 -4.40 -4.67
C VAL D 29 -18.48 -3.66 -5.88
N SER D 30 -19.04 -2.49 -6.20
CA SER D 30 -18.62 -1.77 -7.39
C SER D 30 -17.22 -1.17 -7.27
N SER D 31 -16.72 -1.00 -6.05
CA SER D 31 -15.42 -0.37 -5.82
C SER D 31 -14.30 -1.38 -5.59
N ASN D 32 -14.59 -2.68 -5.65
CA ASN D 32 -13.60 -3.70 -5.32
C ASN D 32 -13.47 -4.70 -6.44
N TYR D 33 -12.34 -5.43 -6.41
CA TYR D 33 -12.19 -6.62 -7.23
C TYR D 33 -13.00 -7.75 -6.60
N MET D 34 -14.04 -8.20 -7.30
CA MET D 34 -14.90 -9.26 -6.81
C MET D 34 -14.70 -10.51 -7.66
N SER D 35 -14.55 -11.65 -7.00
CA SER D 35 -14.27 -12.91 -7.67
C SER D 35 -15.20 -14.00 -7.17
N TRP D 36 -15.43 -14.98 -8.04
CA TRP D 36 -16.11 -16.22 -7.68
C TRP D 36 -15.08 -17.34 -7.67
N VAL D 37 -15.09 -18.14 -6.60
CA VAL D 37 -14.18 -19.28 -6.47
C VAL D 37 -14.99 -20.49 -6.02
N ARG D 38 -14.85 -21.60 -6.75
CA ARG D 38 -15.58 -22.82 -6.47
C ARG D 38 -14.64 -23.91 -5.96
N GLN D 39 -15.24 -24.93 -5.36
CA GLN D 39 -14.47 -26.04 -4.80
C GLN D 39 -15.29 -27.32 -4.99
N ALA D 40 -14.85 -28.18 -5.91
CA ALA D 40 -15.58 -29.41 -6.16
C ALA D 40 -15.55 -30.30 -4.92
N PRO D 41 -16.53 -31.20 -4.76
CA PRO D 41 -16.55 -32.08 -3.59
C PRO D 41 -15.25 -32.84 -3.38
N GLY D 42 -14.54 -32.53 -2.30
CA GLY D 42 -13.30 -33.20 -1.98
C GLY D 42 -12.10 -32.75 -2.77
N LYS D 43 -12.20 -31.67 -3.54
CA LYS D 43 -11.12 -31.17 -4.36
C LYS D 43 -10.64 -29.83 -3.81
N GLY D 44 -9.67 -29.24 -4.52
CA GLY D 44 -9.09 -27.97 -4.12
C GLY D 44 -9.91 -26.79 -4.59
N LEU D 45 -9.35 -25.60 -4.40
CA LEU D 45 -9.99 -24.36 -4.82
C LEU D 45 -9.72 -24.09 -6.30
N GLU D 46 -10.71 -23.52 -6.97
CA GLU D 46 -10.55 -23.12 -8.37
C GLU D 46 -11.17 -21.74 -8.57
N TRP D 47 -10.36 -20.78 -9.02
CA TRP D 47 -10.86 -19.45 -9.32
C TRP D 47 -11.71 -19.51 -10.58
N VAL D 48 -12.86 -18.85 -10.56
CA VAL D 48 -13.81 -18.95 -11.66
C VAL D 48 -13.80 -17.68 -12.49
N SER D 49 -14.11 -16.55 -11.86
CA SER D 49 -14.29 -15.31 -12.60
C SER D 49 -13.96 -14.14 -11.68
N ILE D 50 -13.77 -12.97 -12.29
CA ILE D 50 -13.47 -11.74 -11.57
C ILE D 50 -14.03 -10.57 -12.36
N ILE D 51 -14.47 -9.54 -11.65
CA ILE D 51 -14.90 -8.28 -12.25
C ILE D 51 -14.13 -7.16 -11.57
N TYR D 52 -13.39 -6.38 -12.36
CA TYR D 52 -12.62 -5.28 -11.84
C TYR D 52 -13.54 -4.15 -11.40
N PRO D 53 -13.08 -3.26 -10.51
CA PRO D 53 -13.92 -2.11 -10.13
C PRO D 53 -14.30 -1.23 -11.31
N GLY D 54 -13.47 -1.18 -12.35
CA GLY D 54 -13.79 -0.42 -13.54
C GLY D 54 -14.79 -1.07 -14.47
N GLY D 55 -15.13 -2.34 -14.24
CA GLY D 55 -16.11 -3.05 -15.03
C GLY D 55 -15.57 -4.20 -15.84
N SER D 56 -14.25 -4.27 -16.03
CA SER D 56 -13.67 -5.35 -16.81
C SER D 56 -13.87 -6.69 -16.12
N THR D 57 -14.16 -7.72 -16.93
CA THR D 57 -14.39 -9.07 -16.41
C THR D 57 -13.41 -10.03 -17.05
N PHE D 58 -13.00 -11.04 -16.27
CA PHE D 58 -12.11 -12.09 -16.75
C PHE D 58 -12.57 -13.43 -16.21
N TYR D 59 -12.44 -14.46 -17.03
CA TYR D 59 -12.95 -15.79 -16.70
C TYR D 59 -11.84 -16.83 -16.88
N ALA D 60 -12.02 -17.95 -16.19
CA ALA D 60 -11.13 -19.09 -16.34
C ALA D 60 -11.47 -19.88 -17.60
N ASP D 61 -10.48 -20.64 -18.08
CA ASP D 61 -10.67 -21.36 -19.34
C ASP D 61 -11.72 -22.46 -19.24
N SER D 62 -11.92 -23.01 -18.04
CA SER D 62 -12.92 -24.07 -17.89
C SER D 62 -14.35 -23.55 -17.99
N VAL D 63 -14.55 -22.26 -17.74
CA VAL D 63 -15.88 -21.67 -17.74
C VAL D 63 -16.03 -20.57 -18.78
N LYS D 64 -15.01 -20.32 -19.59
CA LYS D 64 -15.09 -19.25 -20.58
C LYS D 64 -16.16 -19.55 -21.62
N GLY D 65 -16.96 -18.55 -21.93
CA GLY D 65 -18.06 -18.70 -22.86
C GLY D 65 -19.32 -19.30 -22.26
N ARG D 66 -19.28 -19.73 -21.01
CA ARG D 66 -20.46 -20.28 -20.34
C ARG D 66 -20.87 -19.52 -19.09
N PHE D 67 -19.94 -18.83 -18.43
CA PHE D 67 -20.24 -18.07 -17.23
C PHE D 67 -20.13 -16.58 -17.52
N THR D 68 -20.97 -15.81 -16.83
CA THR D 68 -20.97 -14.36 -16.95
C THR D 68 -21.06 -13.75 -15.56
N ILE D 69 -20.13 -12.87 -15.24
CA ILE D 69 -20.12 -12.18 -13.95
C ILE D 69 -20.64 -10.76 -14.15
N SER D 70 -21.41 -10.26 -13.18
CA SER D 70 -22.01 -8.95 -13.26
C SER D 70 -22.35 -8.49 -11.84
N ARG D 71 -22.83 -7.25 -11.73
CA ARG D 71 -23.12 -6.68 -10.42
C ARG D 71 -24.23 -5.66 -10.56
N ASP D 72 -24.88 -5.38 -9.42
CA ASP D 72 -25.90 -4.35 -9.31
C ASP D 72 -25.46 -3.37 -8.23
N ASN D 73 -25.16 -2.13 -8.62
CA ASN D 73 -24.63 -1.17 -7.66
C ASN D 73 -25.67 -0.75 -6.65
N SER D 74 -26.92 -0.57 -7.08
CA SER D 74 -27.97 -0.14 -6.17
C SER D 74 -28.23 -1.18 -5.08
N LYS D 75 -28.09 -2.46 -5.40
CA LYS D 75 -28.32 -3.54 -4.44
C LYS D 75 -27.04 -4.03 -3.78
N ASN D 76 -25.87 -3.53 -4.20
CA ASN D 76 -24.57 -3.95 -3.68
C ASN D 76 -24.42 -5.46 -3.75
N THR D 77 -24.74 -6.01 -4.92
CA THR D 77 -24.85 -7.44 -5.11
C THR D 77 -24.05 -7.89 -6.31
N LEU D 78 -23.33 -8.99 -6.13
CA LEU D 78 -22.57 -9.64 -7.19
C LEU D 78 -23.36 -10.82 -7.74
N TYR D 79 -23.21 -11.08 -9.04
CA TYR D 79 -23.95 -12.14 -9.71
C TYR D 79 -23.00 -13.03 -10.50
N LEU D 80 -23.45 -14.26 -10.75
CA LEU D 80 -22.69 -15.20 -11.57
C LEU D 80 -23.69 -15.96 -12.44
N GLN D 81 -23.82 -15.53 -13.69
CA GLN D 81 -24.74 -16.16 -14.63
C GLN D 81 -24.08 -17.40 -15.22
N MET D 82 -24.75 -18.54 -15.10
CA MET D 82 -24.23 -19.81 -15.59
C MET D 82 -25.21 -20.42 -16.58
N HIS D 83 -24.72 -20.82 -17.74
CA HIS D 83 -25.51 -21.54 -18.72
C HIS D 83 -24.67 -22.65 -19.33
N SER D 84 -25.34 -23.60 -19.98
CA SER D 84 -24.68 -24.77 -20.55
C SER D 84 -23.87 -25.50 -19.49
N LEU D 85 -24.52 -25.78 -18.36
CA LEU D 85 -23.85 -26.41 -17.23
C LEU D 85 -23.46 -27.85 -17.52
N ARG D 86 -22.34 -28.27 -16.93
CA ARG D 86 -21.81 -29.61 -17.09
C ARG D 86 -21.71 -30.28 -15.72
N ALA D 87 -21.50 -31.60 -15.75
CA ALA D 87 -21.39 -32.36 -14.50
C ALA D 87 -20.20 -31.90 -13.68
N GLU D 88 -19.07 -31.60 -14.33
CA GLU D 88 -17.87 -31.19 -13.61
C GLU D 88 -18.01 -29.81 -12.97
N ASP D 89 -19.09 -29.09 -13.23
CA ASP D 89 -19.32 -27.80 -12.59
C ASP D 89 -19.88 -27.93 -11.18
N THR D 90 -20.16 -29.15 -10.72
CA THR D 90 -20.67 -29.35 -9.37
C THR D 90 -19.62 -28.94 -8.35
N ALA D 91 -19.94 -27.94 -7.53
CA ALA D 91 -19.00 -27.42 -6.56
C ALA D 91 -19.75 -26.55 -5.57
N VAL D 92 -19.05 -26.14 -4.52
CA VAL D 92 -19.51 -25.10 -3.61
C VAL D 92 -18.95 -23.78 -4.10
N TYR D 93 -19.83 -22.82 -4.37
CA TYR D 93 -19.44 -21.55 -4.99
C TYR D 93 -19.37 -20.46 -3.92
N TYR D 94 -18.19 -19.84 -3.80
CA TYR D 94 -17.97 -18.72 -2.90
C TYR D 94 -17.78 -17.43 -3.70
N CYS D 95 -18.22 -16.32 -3.13
CA CYS D 95 -17.85 -14.99 -3.61
C CYS D 95 -16.88 -14.37 -2.62
N ALA D 96 -15.83 -13.74 -3.15
CA ALA D 96 -14.76 -13.21 -2.32
C ALA D 96 -14.32 -11.85 -2.84
N ARG D 97 -13.82 -11.03 -1.93
CA ARG D 97 -13.30 -9.72 -2.27
C ARG D 97 -11.79 -9.82 -2.45
N ASP D 98 -11.33 -9.48 -3.66
CA ASP D 98 -9.91 -9.51 -3.99
C ASP D 98 -9.30 -8.17 -3.62
N LEU D 99 -8.15 -8.20 -2.94
CA LEU D 99 -7.44 -6.99 -2.55
C LEU D 99 -6.63 -6.39 -3.69
N GLY D 100 -6.90 -6.81 -4.92
CA GLY D 100 -6.24 -6.25 -6.08
C GLY D 100 -5.09 -7.09 -6.58
N SER D 101 -4.19 -7.49 -5.68
CA SER D 101 -3.04 -8.28 -6.09
C SER D 101 -3.42 -9.73 -6.39
N GLY D 102 -4.59 -10.18 -5.94
CA GLY D 102 -4.99 -11.55 -6.12
C GLY D 102 -5.48 -12.19 -4.83
N ASP D 103 -5.04 -11.64 -3.70
CA ASP D 103 -5.38 -12.19 -2.39
C ASP D 103 -6.80 -11.83 -2.02
N MET D 104 -7.57 -12.81 -1.53
CA MET D 104 -8.95 -12.62 -1.16
C MET D 104 -9.08 -12.71 0.35
N ASP D 105 -9.44 -11.59 0.99
CA ASP D 105 -9.50 -11.50 2.44
C ASP D 105 -10.90 -11.71 3.00
N VAL D 106 -11.94 -11.38 2.25
CA VAL D 106 -13.32 -11.53 2.69
C VAL D 106 -13.96 -12.63 1.87
N TRP D 107 -14.58 -13.60 2.56
CA TRP D 107 -15.23 -14.72 1.91
C TRP D 107 -16.66 -14.85 2.39
N GLY D 108 -17.48 -15.49 1.57
CA GLY D 108 -18.82 -15.86 1.95
C GLY D 108 -18.88 -17.25 2.54
N LYS D 109 -20.09 -17.67 2.90
CA LYS D 109 -20.29 -19.03 3.39
C LYS D 109 -20.44 -20.04 2.25
N GLY D 110 -20.72 -19.57 1.04
CA GLY D 110 -20.81 -20.45 -0.11
C GLY D 110 -22.20 -21.06 -0.28
N THR D 111 -22.59 -21.23 -1.54
CA THR D 111 -23.82 -21.92 -1.90
C THR D 111 -23.48 -23.11 -2.79
N THR D 112 -24.26 -24.18 -2.66
CA THR D 112 -23.94 -25.46 -3.28
C THR D 112 -24.69 -25.60 -4.60
N VAL D 113 -23.95 -25.96 -5.66
CA VAL D 113 -24.51 -26.22 -6.98
C VAL D 113 -24.23 -27.66 -7.36
N THR D 114 -25.28 -28.39 -7.72
CA THR D 114 -25.16 -29.79 -8.15
C THR D 114 -25.77 -29.93 -9.53
N VAL D 115 -24.96 -30.37 -10.49
CA VAL D 115 -25.39 -30.53 -11.87
C VAL D 115 -25.41 -32.03 -12.17
N SER D 116 -26.60 -32.58 -12.35
CA SER D 116 -26.77 -34.00 -12.62
C SER D 116 -28.11 -34.23 -13.29
N SER D 117 -28.16 -35.21 -14.19
CA SER D 117 -29.38 -35.55 -14.90
C SER D 117 -30.31 -36.45 -14.09
N ALA D 118 -29.83 -37.04 -13.00
CA ALA D 118 -30.61 -38.01 -12.25
C ALA D 118 -31.82 -37.34 -11.60
N SER D 119 -32.87 -38.12 -11.41
CA SER D 119 -34.11 -37.65 -10.83
C SER D 119 -34.09 -37.79 -9.31
N THR D 120 -34.99 -37.06 -8.66
CA THR D 120 -35.05 -37.04 -7.21
C THR D 120 -35.78 -38.27 -6.69
N LYS D 121 -35.25 -38.86 -5.61
CA LYS D 121 -35.85 -40.03 -5.00
C LYS D 121 -35.57 -40.02 -3.49
N GLY D 122 -36.59 -40.36 -2.71
CA GLY D 122 -36.44 -40.50 -1.29
C GLY D 122 -35.75 -41.81 -0.94
N PRO D 123 -34.98 -41.81 0.14
CA PRO D 123 -34.22 -43.01 0.51
C PRO D 123 -35.06 -44.04 1.25
N SER D 124 -34.61 -45.28 1.19
CA SER D 124 -35.15 -46.36 2.00
C SER D 124 -34.24 -46.54 3.21
N VAL D 125 -34.83 -46.59 4.40
CA VAL D 125 -34.08 -46.65 5.66
C VAL D 125 -34.22 -48.06 6.20
N PHE D 126 -33.12 -48.84 6.14
CA PHE D 126 -33.09 -50.20 6.66
C PHE D 126 -32.30 -50.26 7.96
N PRO D 127 -32.72 -51.09 8.91
CA PRO D 127 -32.02 -51.12 10.20
C PRO D 127 -30.79 -52.02 10.18
N LEU D 128 -29.74 -51.55 10.85
CA LEU D 128 -28.54 -52.33 11.10
C LEU D 128 -28.67 -52.88 12.52
N ALA D 129 -29.34 -54.03 12.64
CA ALA D 129 -29.68 -54.56 13.94
C ALA D 129 -28.43 -54.97 14.71
N PRO D 130 -28.40 -54.75 16.03
CA PRO D 130 -27.22 -55.14 16.82
C PRO D 130 -27.23 -56.62 17.17
N SER D 131 -26.08 -57.27 16.99
CA SER D 131 -25.94 -58.67 17.39
C SER D 131 -24.73 -58.82 18.30
N SER D 132 -23.98 -59.92 18.14
CA SER D 132 -22.79 -60.13 18.94
C SER D 132 -21.83 -61.08 18.24
N SER D 136 -21.25 -57.05 18.35
CA SER D 136 -20.91 -56.39 19.60
C SER D 136 -19.91 -57.20 20.41
N GLY D 137 -19.16 -56.52 21.26
CA GLY D 137 -18.25 -57.18 22.18
C GLY D 137 -18.49 -56.73 23.59
N GLY D 138 -17.67 -55.79 24.07
CA GLY D 138 -17.92 -55.17 25.36
C GLY D 138 -19.04 -54.15 25.34
N THR D 139 -19.28 -53.53 24.19
CA THR D 139 -20.38 -52.60 23.98
C THR D 139 -21.09 -52.98 22.67
N ALA D 140 -22.33 -52.53 22.53
CA ALA D 140 -23.13 -52.82 21.36
C ALA D 140 -22.87 -51.80 20.26
N ALA D 141 -23.38 -52.09 19.06
CA ALA D 141 -23.20 -51.19 17.92
C ALA D 141 -24.30 -51.46 16.90
N LEU D 142 -25.18 -50.47 16.71
CA LEU D 142 -26.25 -50.56 15.73
C LEU D 142 -26.24 -49.32 14.84
N GLY D 143 -27.08 -49.33 13.83
CA GLY D 143 -27.11 -48.21 12.91
C GLY D 143 -28.28 -48.28 11.96
N CYS D 144 -28.27 -47.35 11.00
CA CYS D 144 -29.29 -47.26 9.97
C CYS D 144 -28.63 -47.13 8.61
N LEU D 145 -29.17 -47.84 7.62
CA LEU D 145 -28.69 -47.80 6.25
C LEU D 145 -29.63 -46.93 5.43
N VAL D 146 -29.15 -45.75 5.03
CA VAL D 146 -29.92 -44.82 4.22
C VAL D 146 -29.48 -45.04 2.77
N LYS D 147 -30.24 -45.86 2.04
CA LYS D 147 -29.84 -46.36 0.73
C LYS D 147 -30.77 -45.84 -0.36
N ASP D 148 -30.17 -45.55 -1.52
CA ASP D 148 -30.88 -45.23 -2.77
C ASP D 148 -31.69 -43.94 -2.64
N TYR D 149 -30.95 -42.83 -2.71
CA TYR D 149 -31.54 -41.50 -2.71
C TYR D 149 -30.72 -40.60 -3.63
N PHE D 150 -31.36 -39.51 -4.05
CA PHE D 150 -30.73 -38.51 -4.89
C PHE D 150 -31.56 -37.24 -4.81
N PRO D 151 -30.95 -36.06 -4.69
CA PRO D 151 -29.49 -35.92 -4.57
C PRO D 151 -29.06 -35.76 -3.12
N GLU D 152 -27.81 -35.32 -2.92
CA GLU D 152 -27.35 -34.95 -1.60
C GLU D 152 -28.09 -33.69 -1.14
N PRO D 153 -28.18 -33.47 0.19
CA PRO D 153 -27.75 -34.36 1.27
C PRO D 153 -28.90 -34.95 2.06
N VAL D 154 -28.57 -35.78 3.05
CA VAL D 154 -29.53 -36.28 4.01
C VAL D 154 -28.98 -36.04 5.40
N THR D 155 -29.89 -35.81 6.34
CA THR D 155 -29.53 -35.56 7.74
C THR D 155 -30.06 -36.71 8.59
N VAL D 156 -29.21 -37.24 9.46
CA VAL D 156 -29.56 -38.37 10.31
C VAL D 156 -29.33 -37.98 11.77
N SER D 157 -30.35 -38.16 12.58
CA SER D 157 -30.25 -37.98 14.03
C SER D 157 -30.76 -39.25 14.70
N TRP D 158 -30.45 -39.39 15.99
CA TRP D 158 -30.82 -40.57 16.76
C TRP D 158 -31.63 -40.17 17.98
N ASN D 159 -32.80 -40.80 18.14
CA ASN D 159 -33.73 -40.50 19.22
C ASN D 159 -34.11 -39.02 19.23
N SER D 160 -34.28 -38.45 18.04
CA SER D 160 -34.68 -37.06 17.85
C SER D 160 -33.69 -36.08 18.51
N GLY D 161 -32.41 -36.46 18.52
CA GLY D 161 -31.35 -35.62 19.04
C GLY D 161 -30.87 -35.99 20.43
N ALA D 162 -31.64 -36.82 21.15
CA ALA D 162 -31.27 -37.21 22.50
C ALA D 162 -30.04 -38.10 22.55
N LEU D 163 -29.67 -38.71 21.43
CA LEU D 163 -28.49 -39.56 21.34
C LEU D 163 -27.50 -38.92 20.38
N THR D 164 -26.37 -38.46 20.90
CA THR D 164 -25.35 -37.81 20.08
C THR D 164 -23.98 -38.44 20.32
N SER D 165 -23.75 -38.92 21.54
CA SER D 165 -22.46 -39.52 21.87
C SER D 165 -22.31 -40.86 21.18
N GLY D 166 -21.20 -41.03 20.46
CA GLY D 166 -20.94 -42.27 19.76
C GLY D 166 -21.53 -42.36 18.37
N VAL D 167 -22.15 -41.29 17.87
CA VAL D 167 -22.79 -41.31 16.56
C VAL D 167 -21.75 -41.01 15.50
N HIS D 168 -21.66 -41.90 14.51
CA HIS D 168 -20.80 -41.71 13.34
C HIS D 168 -21.68 -41.77 12.10
N THR D 169 -21.98 -40.62 11.51
CA THR D 169 -22.71 -40.57 10.25
C THR D 169 -21.68 -40.46 9.13
N PHE D 170 -21.62 -41.49 8.29
CA PHE D 170 -20.58 -41.59 7.27
C PHE D 170 -20.94 -40.78 6.04
N PRO D 171 -19.93 -40.30 5.30
CA PRO D 171 -20.19 -39.68 4.00
C PRO D 171 -20.86 -40.67 3.06
N ALA D 172 -21.72 -40.14 2.20
CA ALA D 172 -22.42 -40.98 1.23
C ALA D 172 -21.50 -41.39 0.09
N VAL D 173 -21.76 -42.57 -0.46
CA VAL D 173 -21.04 -43.07 -1.63
C VAL D 173 -22.01 -43.06 -2.80
N LEU D 174 -21.50 -42.72 -3.98
CA LEU D 174 -22.29 -42.72 -5.21
C LEU D 174 -22.25 -44.12 -5.82
N GLN D 175 -23.36 -44.84 -5.73
CA GLN D 175 -23.44 -46.19 -6.27
C GLN D 175 -23.45 -46.16 -7.79
N SER D 176 -23.21 -47.33 -8.38
CA SER D 176 -23.16 -47.44 -9.84
C SER D 176 -24.50 -47.09 -10.49
N SER D 177 -25.60 -47.22 -9.75
CA SER D 177 -26.91 -46.84 -10.25
C SER D 177 -27.13 -45.33 -10.23
N GLY D 178 -26.16 -44.55 -9.76
CA GLY D 178 -26.29 -43.11 -9.71
C GLY D 178 -26.99 -42.58 -8.49
N LEU D 179 -27.42 -43.46 -7.58
CA LEU D 179 -28.08 -43.05 -6.35
C LEU D 179 -27.08 -43.13 -5.19
N TYR D 180 -27.21 -42.19 -4.25
CA TYR D 180 -26.34 -42.15 -3.09
C TYR D 180 -26.81 -43.16 -2.05
N SER D 181 -25.92 -43.44 -1.10
CA SER D 181 -26.22 -44.39 -0.03
C SER D 181 -25.15 -44.21 1.04
N LEU D 182 -25.59 -43.98 2.28
CA LEU D 182 -24.70 -43.86 3.42
C LEU D 182 -25.27 -44.67 4.57
N SER D 183 -24.52 -44.69 5.68
CA SER D 183 -24.93 -45.38 6.89
C SER D 183 -24.56 -44.52 8.09
N SER D 184 -25.40 -44.57 9.11
CA SER D 184 -25.15 -43.86 10.37
C SER D 184 -25.22 -44.88 11.50
N VAL D 185 -24.15 -44.99 12.27
CA VAL D 185 -24.05 -45.97 13.34
C VAL D 185 -23.84 -45.25 14.66
N VAL D 186 -24.05 -45.98 15.75
CA VAL D 186 -23.83 -45.46 17.09
C VAL D 186 -23.54 -46.62 18.03
N THR D 187 -22.61 -46.41 18.95
CA THR D 187 -22.23 -47.43 19.93
C THR D 187 -22.93 -47.14 21.26
N VAL D 188 -23.60 -48.17 21.78
CA VAL D 188 -24.37 -48.04 23.03
C VAL D 188 -24.00 -49.20 23.93
N PRO D 189 -24.18 -49.05 25.25
CA PRO D 189 -23.87 -50.15 26.17
C PRO D 189 -24.78 -51.36 25.91
N SER D 190 -24.19 -52.55 26.06
CA SER D 190 -24.92 -53.78 25.78
C SER D 190 -26.07 -54.02 26.76
N SER D 191 -26.01 -53.43 27.96
CA SER D 191 -27.06 -53.61 28.95
C SER D 191 -28.30 -52.78 28.66
N SER D 192 -28.17 -51.71 27.88
CA SER D 192 -29.30 -50.87 27.52
C SER D 192 -29.99 -51.33 26.25
N LEU D 193 -29.61 -52.49 25.71
CA LEU D 193 -30.20 -52.96 24.45
C LEU D 193 -31.67 -53.28 24.63
N GLY D 194 -32.01 -54.03 25.67
CA GLY D 194 -33.39 -54.39 25.93
C GLY D 194 -34.16 -53.43 26.79
N THR D 195 -33.65 -52.22 27.02
CA THR D 195 -34.34 -51.23 27.85
C THR D 195 -34.58 -49.91 27.12
N GLN D 196 -33.57 -49.38 26.44
CA GLN D 196 -33.66 -48.10 25.76
C GLN D 196 -34.02 -48.31 24.29
N THR D 197 -34.95 -47.48 23.80
CA THR D 197 -35.36 -47.54 22.40
C THR D 197 -34.48 -46.64 21.55
N TYR D 198 -34.06 -47.15 20.40
CA TYR D 198 -33.17 -46.44 19.49
C TYR D 198 -33.85 -46.27 18.14
N ILE D 199 -34.05 -45.03 17.72
CA ILE D 199 -34.71 -44.69 16.47
C ILE D 199 -33.88 -43.66 15.74
N CYS D 200 -33.52 -43.94 14.49
CA CYS D 200 -32.81 -42.98 13.65
C CYS D 200 -33.81 -42.15 12.87
N ASN D 201 -33.49 -40.87 12.71
CA ASN D 201 -34.38 -39.90 12.07
C ASN D 201 -33.71 -39.38 10.82
N VAL D 202 -34.18 -39.81 9.65
CA VAL D 202 -33.61 -39.46 8.36
C VAL D 202 -34.51 -38.41 7.71
N ASN D 203 -33.91 -37.35 7.19
CA ASN D 203 -34.64 -36.29 6.51
C ASN D 203 -33.99 -36.04 5.16
N HIS D 204 -34.80 -36.08 4.10
CA HIS D 204 -34.36 -35.82 2.73
C HIS D 204 -35.24 -34.70 2.18
N LYS D 205 -34.76 -33.47 2.30
CA LYS D 205 -35.55 -32.32 1.87
C LYS D 205 -35.89 -32.31 0.38
N PRO D 206 -35.00 -32.69 -0.55
CA PRO D 206 -35.39 -32.67 -1.97
C PRO D 206 -36.58 -33.54 -2.31
N SER D 207 -36.90 -34.55 -1.51
CA SER D 207 -38.06 -35.41 -1.75
C SER D 207 -39.14 -35.26 -0.68
N ASN D 208 -38.98 -34.30 0.24
CA ASN D 208 -39.92 -34.10 1.34
C ASN D 208 -40.13 -35.41 2.11
N THR D 209 -39.04 -36.14 2.33
CA THR D 209 -39.07 -37.43 2.98
C THR D 209 -38.56 -37.31 4.41
N LYS D 210 -39.36 -37.79 5.37
CA LYS D 210 -38.95 -37.86 6.77
C LYS D 210 -39.36 -39.23 7.30
N VAL D 211 -38.37 -40.04 7.67
CA VAL D 211 -38.59 -41.42 8.06
C VAL D 211 -37.92 -41.66 9.42
N ASP D 212 -38.68 -42.22 10.35
CA ASP D 212 -38.15 -42.65 11.65
C ASP D 212 -38.15 -44.17 11.69
N LYS D 213 -36.96 -44.76 11.79
CA LYS D 213 -36.78 -46.21 11.73
C LYS D 213 -36.38 -46.71 13.12
N LYS D 214 -37.17 -47.64 13.65
CA LYS D 214 -36.91 -48.22 14.96
C LYS D 214 -36.00 -49.42 14.81
N VAL D 215 -34.80 -49.33 15.37
CA VAL D 215 -33.81 -50.39 15.29
C VAL D 215 -33.88 -51.21 16.57
N GLU D 216 -34.10 -52.52 16.43
CA GLU D 216 -34.23 -53.42 17.57
C GLU D 216 -33.33 -54.64 17.37
N PRO D 217 -32.91 -55.26 18.47
CA PRO D 217 -32.04 -56.46 18.35
C PRO D 217 -32.75 -57.60 17.63
N LYS D 218 -32.03 -58.23 16.72
CA LYS D 218 -32.60 -59.32 15.93
C LYS D 218 -32.71 -60.60 16.74
N SER D 219 -33.85 -61.26 16.65
CA SER D 219 -34.07 -62.53 17.35
C SER D 219 -34.05 -63.70 16.37
N VAL E 3 0.76 -24.58 -13.72
CA VAL E 3 0.56 -25.66 -12.75
C VAL E 3 1.36 -25.40 -11.49
N MET E 4 0.66 -25.34 -10.35
CA MET E 4 1.29 -25.14 -9.05
C MET E 4 1.47 -26.50 -8.39
N THR E 5 2.72 -26.91 -8.21
CA THR E 5 3.04 -28.18 -7.55
C THR E 5 3.26 -27.92 -6.06
N GLN E 6 2.34 -28.43 -5.24
CA GLN E 6 2.41 -28.29 -3.79
C GLN E 6 2.70 -29.65 -3.16
N SER E 7 3.55 -29.64 -2.13
CA SER E 7 3.97 -30.87 -1.48
C SER E 7 4.20 -30.62 0.01
N PRO E 8 3.84 -31.57 0.88
CA PRO E 8 3.21 -32.83 0.53
C PRO E 8 1.69 -32.74 0.48
N SER E 9 1.02 -33.76 -0.06
CA SER E 9 -0.44 -33.77 -0.09
C SER E 9 -1.01 -33.95 1.31
N PHE E 10 -0.43 -34.86 2.09
CA PHE E 10 -0.84 -35.12 3.46
C PHE E 10 0.35 -34.99 4.38
N LEU E 11 0.08 -34.51 5.60
CA LEU E 11 1.15 -34.20 6.56
C LEU E 11 0.62 -34.47 7.95
N SER E 12 1.35 -35.29 8.71
CA SER E 12 1.01 -35.62 10.09
C SER E 12 1.98 -34.92 11.03
N ALA E 13 1.43 -34.21 12.01
CA ALA E 13 2.25 -33.49 12.99
C ALA E 13 1.53 -33.50 14.33
N SER E 14 2.25 -33.11 15.37
CA SER E 14 1.73 -33.05 16.72
C SER E 14 1.56 -31.60 17.17
N VAL E 15 0.83 -31.43 18.27
CA VAL E 15 0.54 -30.10 18.79
C VAL E 15 1.82 -29.51 19.37
N GLY E 16 2.24 -28.37 18.82
CA GLY E 16 3.47 -27.73 19.25
C GLY E 16 4.65 -27.92 18.32
N ASP E 17 4.48 -28.68 17.24
CA ASP E 17 5.56 -28.96 16.31
C ASP E 17 5.79 -27.75 15.39
N ARG E 18 6.82 -27.86 14.55
CA ARG E 18 7.14 -26.85 13.54
C ARG E 18 6.91 -27.47 12.17
N VAL E 19 5.91 -26.96 11.46
CA VAL E 19 5.47 -27.53 10.18
C VAL E 19 6.00 -26.67 9.04
N THR E 20 6.37 -27.33 7.94
CA THR E 20 6.84 -26.65 6.74
C THR E 20 6.10 -27.21 5.54
N ILE E 21 5.39 -26.33 4.82
CA ILE E 21 4.66 -26.69 3.61
C ILE E 21 5.34 -26.01 2.43
N THR E 22 5.56 -26.77 1.36
CA THR E 22 6.30 -26.29 0.20
C THR E 22 5.34 -26.08 -0.97
N CYS E 23 5.56 -24.98 -1.69
CA CYS E 23 4.78 -24.62 -2.88
C CYS E 23 5.78 -24.22 -3.97
N ARG E 24 5.85 -25.02 -5.02
CA ARG E 24 6.81 -24.80 -6.10
C ARG E 24 6.10 -24.38 -7.37
N ALA E 25 6.58 -23.29 -7.99
CA ALA E 25 6.10 -22.82 -9.27
C ALA E 25 7.03 -23.26 -10.39
N SER E 26 6.47 -23.42 -11.58
CA SER E 26 7.26 -23.88 -12.73
C SER E 26 8.32 -22.87 -13.15
N GLN E 27 8.20 -21.62 -12.73
CA GLN E 27 9.19 -20.59 -13.04
C GLN E 27 9.08 -19.49 -12.00
N GLY E 28 9.89 -18.44 -12.18
CA GLY E 28 10.01 -17.40 -11.17
C GLY E 28 8.76 -16.53 -11.11
N ILE E 29 8.16 -16.42 -9.93
CA ILE E 29 7.01 -15.57 -9.70
C ILE E 29 7.35 -14.50 -8.66
N SER E 30 8.64 -14.20 -8.51
CA SER E 30 9.13 -13.21 -7.55
C SER E 30 8.65 -13.53 -6.15
N SER E 31 7.76 -12.69 -5.60
CA SER E 31 7.20 -12.91 -4.28
C SER E 31 5.68 -12.88 -4.30
N TYR E 32 5.08 -13.15 -5.46
CA TYR E 32 3.62 -13.13 -5.62
C TYR E 32 3.08 -14.50 -5.24
N LEU E 33 2.77 -14.68 -3.96
CA LEU E 33 2.18 -15.93 -3.48
C LEU E 33 1.39 -15.68 -2.22
N ALA E 34 0.25 -16.35 -2.10
CA ALA E 34 -0.62 -16.24 -0.94
C ALA E 34 -0.92 -17.62 -0.39
N TRP E 35 -1.15 -17.69 0.92
CA TRP E 35 -1.44 -18.94 1.62
C TRP E 35 -2.80 -18.85 2.29
N TYR E 36 -3.59 -19.91 2.16
CA TYR E 36 -4.92 -19.97 2.72
C TYR E 36 -5.04 -21.15 3.69
N GLN E 37 -5.99 -21.04 4.61
CA GLN E 37 -6.29 -22.09 5.57
C GLN E 37 -7.79 -22.38 5.52
N GLN E 38 -8.15 -23.64 5.26
CA GLN E 38 -9.54 -24.03 5.13
C GLN E 38 -9.81 -25.26 5.99
N LYS E 39 -10.77 -25.14 6.89
CA LYS E 39 -11.24 -26.25 7.70
C LYS E 39 -12.48 -26.88 7.06
N PRO E 40 -12.78 -28.14 7.39
CA PRO E 40 -13.91 -28.81 6.74
C PRO E 40 -15.23 -28.08 6.96
N GLY E 41 -15.91 -27.77 5.87
CA GLY E 41 -17.20 -27.10 5.92
C GLY E 41 -17.13 -25.60 6.08
N LYS E 42 -15.95 -25.01 6.14
CA LYS E 42 -15.77 -23.57 6.31
C LYS E 42 -15.14 -22.96 5.07
N ALA E 43 -15.28 -21.64 4.97
CA ALA E 43 -14.66 -20.92 3.87
C ALA E 43 -13.16 -20.77 4.10
N PRO E 44 -12.37 -20.66 3.03
CA PRO E 44 -10.94 -20.41 3.20
C PRO E 44 -10.68 -19.10 3.94
N LYS E 45 -9.55 -19.07 4.65
CA LYS E 45 -9.13 -17.92 5.43
C LYS E 45 -7.75 -17.50 4.97
N LEU E 46 -7.60 -16.24 4.54
CA LEU E 46 -6.32 -15.74 4.09
C LEU E 46 -5.35 -15.66 5.26
N LEU E 47 -4.14 -16.19 5.06
CA LEU E 47 -3.11 -16.20 6.10
C LEU E 47 -2.00 -15.21 5.81
N ILE E 48 -1.35 -15.33 4.65
CA ILE E 48 -0.17 -14.53 4.30
C ILE E 48 -0.28 -14.15 2.83
N GLN E 49 -0.07 -12.88 2.53
CA GLN E 49 0.01 -12.38 1.16
C GLN E 49 1.42 -11.88 0.88
N ALA E 50 1.74 -11.77 -0.41
CA ALA E 50 3.06 -11.34 -0.87
C ALA E 50 4.18 -12.23 -0.32
N ALA E 51 3.89 -13.52 -0.11
CA ALA E 51 4.86 -14.55 0.24
C ALA E 51 5.48 -14.37 1.62
N SER E 52 5.40 -13.17 2.21
CA SER E 52 6.03 -12.93 3.50
C SER E 52 5.41 -11.77 4.25
N THR E 53 4.07 -11.67 4.24
CA THR E 53 3.35 -10.64 4.99
C THR E 53 2.18 -11.33 5.69
N LEU E 54 2.34 -11.56 7.00
CA LEU E 54 1.29 -12.19 7.78
C LEU E 54 0.09 -11.26 7.89
N GLN E 55 -1.08 -11.74 7.48
CA GLN E 55 -2.28 -10.92 7.51
C GLN E 55 -2.63 -10.53 8.93
N SER E 56 -3.22 -9.34 9.09
CA SER E 56 -3.55 -8.82 10.41
C SER E 56 -4.58 -9.72 11.10
N GLY E 57 -4.26 -10.14 12.32
CA GLY E 57 -5.11 -11.00 13.12
C GLY E 57 -4.60 -12.42 13.26
N VAL E 58 -3.95 -12.94 12.22
CA VAL E 58 -3.43 -14.31 12.27
C VAL E 58 -2.32 -14.39 13.31
N PRO E 59 -2.32 -15.37 14.20
CA PRO E 59 -1.27 -15.46 15.23
C PRO E 59 0.11 -15.61 14.61
N SER E 60 1.12 -15.27 15.41
CA SER E 60 2.51 -15.23 14.97
C SER E 60 3.07 -16.60 14.62
N ARG E 61 2.28 -17.67 14.77
CA ARG E 61 2.78 -19.00 14.43
C ARG E 61 3.05 -19.13 12.94
N PHE E 62 2.13 -18.64 12.10
CA PHE E 62 2.27 -18.77 10.66
C PHE E 62 3.37 -17.84 10.16
N SER E 63 4.39 -18.42 9.54
CA SER E 63 5.52 -17.69 8.97
C SER E 63 5.63 -18.04 7.49
N GLY E 64 5.67 -17.03 6.65
CA GLY E 64 5.78 -17.20 5.21
C GLY E 64 7.10 -16.66 4.70
N SER E 65 7.74 -17.43 3.82
CA SER E 65 9.01 -17.02 3.23
C SER E 65 9.14 -17.67 1.86
N GLY E 66 10.28 -17.43 1.23
CA GLY E 66 10.53 -17.97 -0.09
C GLY E 66 10.45 -16.90 -1.16
N SER E 67 11.23 -17.09 -2.21
CA SER E 67 11.25 -16.15 -3.33
C SER E 67 11.76 -16.88 -4.56
N GLY E 68 11.31 -16.42 -5.73
CA GLY E 68 11.73 -17.03 -6.98
C GLY E 68 10.85 -18.17 -7.41
N THR E 69 11.29 -19.41 -7.16
CA THR E 69 10.57 -20.59 -7.59
C THR E 69 10.12 -21.49 -6.45
N GLU E 70 10.67 -21.35 -5.25
CA GLU E 70 10.29 -22.17 -4.10
C GLU E 70 9.79 -21.27 -2.99
N PHE E 71 8.62 -21.61 -2.45
CA PHE E 71 8.00 -20.86 -1.36
C PHE E 71 7.54 -21.81 -0.27
N THR E 72 7.65 -21.38 0.98
CA THR E 72 7.34 -22.22 2.12
C THR E 72 6.41 -21.49 3.08
N LEU E 73 5.46 -22.24 3.64
CA LEU E 73 4.63 -21.78 4.75
C LEU E 73 5.09 -22.52 6.00
N THR E 74 5.47 -21.77 7.03
CA THR E 74 6.03 -22.34 8.25
C THR E 74 5.17 -21.97 9.43
N ILE E 75 4.71 -22.97 10.16
CA ILE E 75 3.98 -22.78 11.41
C ILE E 75 4.96 -23.10 12.54
N SER E 76 5.35 -22.08 13.31
CA SER E 76 6.36 -22.26 14.33
C SER E 76 5.91 -23.26 15.39
N SER E 77 4.75 -23.00 16.01
CA SER E 77 4.20 -23.88 17.03
C SER E 77 2.79 -24.26 16.61
N LEU E 78 2.60 -25.52 16.23
CA LEU E 78 1.30 -26.00 15.80
C LEU E 78 0.32 -26.02 16.97
N GLN E 79 -0.94 -25.81 16.66
CA GLN E 79 -2.02 -25.66 17.64
C GLN E 79 -3.19 -26.53 17.24
N PRO E 80 -4.10 -26.83 18.19
CA PRO E 80 -5.25 -27.68 17.85
C PRO E 80 -6.13 -27.12 16.75
N GLU E 81 -6.24 -25.79 16.65
CA GLU E 81 -7.06 -25.16 15.62
C GLU E 81 -6.33 -24.98 14.31
N ASP E 82 -5.06 -25.40 14.22
CA ASP E 82 -4.29 -25.28 13.00
C ASP E 82 -4.45 -26.47 12.07
N PHE E 83 -5.03 -27.57 12.54
CA PHE E 83 -5.17 -28.78 11.72
C PHE E 83 -6.27 -28.55 10.68
N ALA E 84 -5.85 -28.36 9.43
CA ALA E 84 -6.78 -28.08 8.34
C ALA E 84 -6.05 -28.35 7.02
N THR E 85 -6.63 -27.89 5.92
CA THR E 85 -6.04 -27.99 4.60
C THR E 85 -5.55 -26.62 4.16
N TYR E 86 -4.33 -26.55 3.65
CA TYR E 86 -3.67 -25.30 3.31
C TYR E 86 -3.41 -25.24 1.81
N TYR E 87 -3.76 -24.11 1.19
CA TYR E 87 -3.57 -23.89 -0.24
C TYR E 87 -2.64 -22.71 -0.47
N CYS E 88 -1.90 -22.76 -1.58
CA CYS E 88 -1.10 -21.64 -2.04
C CYS E 88 -1.63 -21.17 -3.39
N GLN E 89 -1.59 -19.86 -3.61
CA GLN E 89 -2.14 -19.25 -4.81
C GLN E 89 -1.13 -18.30 -5.43
N GLN E 90 -1.01 -18.35 -6.75
CA GLN E 90 -0.17 -17.43 -7.48
C GLN E 90 -0.87 -16.07 -7.60
N LEU E 91 -0.15 -15.01 -7.27
CA LEU E 91 -0.70 -13.66 -7.29
C LEU E 91 -0.20 -12.89 -8.51
N ASN E 92 -0.98 -11.87 -8.89
CA ASN E 92 -0.67 -11.01 -10.03
C ASN E 92 -0.48 -11.82 -11.32
N SER E 93 -1.41 -12.75 -11.55
CA SER E 93 -1.40 -13.58 -12.74
C SER E 93 -2.79 -13.62 -13.36
N TYR E 94 -2.84 -13.83 -14.68
CA TYR E 94 -4.12 -13.92 -15.38
C TYR E 94 -4.87 -15.20 -15.04
N ARG E 95 -4.20 -16.21 -14.50
CA ARG E 95 -4.81 -17.52 -14.29
C ARG E 95 -5.38 -17.69 -12.88
N TYR E 96 -4.83 -16.99 -11.88
CA TYR E 96 -5.24 -17.16 -10.49
C TYR E 96 -5.14 -18.62 -10.06
N THR E 97 -3.98 -19.23 -10.36
CA THR E 97 -3.80 -20.66 -10.16
C THR E 97 -3.64 -20.99 -8.69
N PHE E 98 -4.30 -22.06 -8.25
CA PHE E 98 -4.23 -22.55 -6.89
C PHE E 98 -3.38 -23.82 -6.82
N GLY E 99 -2.89 -24.11 -5.61
CA GLY E 99 -2.22 -25.36 -5.38
C GLY E 99 -3.20 -26.49 -5.10
N GLN E 100 -2.67 -27.71 -5.12
CA GLN E 100 -3.52 -28.87 -4.87
C GLN E 100 -4.00 -28.92 -3.42
N GLY E 101 -3.20 -28.41 -2.50
CA GLY E 101 -3.58 -28.38 -1.11
C GLY E 101 -2.75 -29.36 -0.28
N THR E 102 -2.52 -28.98 0.98
CA THR E 102 -1.79 -29.81 1.94
C THR E 102 -2.65 -29.97 3.18
N LYS E 103 -3.03 -31.22 3.47
CA LYS E 103 -3.89 -31.50 4.62
C LYS E 103 -3.02 -31.85 5.82
N VAL E 104 -3.10 -31.04 6.87
CA VAL E 104 -2.36 -31.28 8.10
C VAL E 104 -3.25 -32.03 9.06
N GLU E 105 -2.80 -33.21 9.49
CA GLU E 105 -3.56 -34.09 10.36
C GLU E 105 -2.79 -34.34 11.66
N ILE E 106 -3.52 -34.80 12.67
CA ILE E 106 -2.98 -34.98 14.01
C ILE E 106 -2.28 -36.33 14.10
N LYS E 107 -1.28 -36.41 14.97
CA LYS E 107 -0.47 -37.63 15.15
C LYS E 107 -0.64 -38.11 16.58
N ARG E 108 -1.29 -39.26 16.75
CA ARG E 108 -1.58 -39.80 18.07
C ARG E 108 -1.06 -41.23 18.20
N THR E 109 -1.51 -41.97 19.21
CA THR E 109 -1.12 -43.36 19.33
C THR E 109 -1.95 -44.23 18.39
N VAL E 110 -1.35 -45.33 17.93
CA VAL E 110 -2.03 -46.23 17.04
C VAL E 110 -3.20 -46.88 17.78
N ALA E 111 -4.33 -47.01 17.09
CA ALA E 111 -5.53 -47.59 17.67
C ALA E 111 -6.17 -48.55 16.67
N ALA E 112 -6.46 -49.77 17.12
CA ALA E 112 -7.06 -50.75 16.23
C ALA E 112 -8.57 -50.54 16.12
N PRO E 113 -9.15 -50.82 14.97
CA PRO E 113 -10.59 -50.58 14.79
C PRO E 113 -11.42 -51.69 15.43
N SER E 114 -12.54 -51.29 16.03
CA SER E 114 -13.53 -52.24 16.53
C SER E 114 -14.40 -52.67 15.36
N VAL E 115 -14.27 -53.92 14.94
CA VAL E 115 -14.90 -54.39 13.72
C VAL E 115 -16.26 -55.00 14.05
N PHE E 116 -17.27 -54.58 13.31
CA PHE E 116 -18.62 -55.13 13.42
C PHE E 116 -19.16 -55.38 12.02
N ILE E 117 -19.96 -56.44 11.89
CA ILE E 117 -20.57 -56.82 10.62
C ILE E 117 -22.08 -56.91 10.82
N PHE E 118 -22.82 -56.46 9.81
CA PHE E 118 -24.28 -56.39 9.88
C PHE E 118 -24.87 -57.14 8.69
N PRO E 119 -25.65 -58.20 8.90
CA PRO E 119 -26.32 -58.86 7.78
C PRO E 119 -27.40 -57.96 7.21
N PRO E 120 -27.83 -58.19 5.97
CA PRO E 120 -28.95 -57.41 5.43
C PRO E 120 -30.24 -57.75 6.15
N SER E 121 -30.99 -56.70 6.50
CA SER E 121 -32.21 -56.87 7.26
C SER E 121 -33.26 -57.65 6.46
N ASP E 122 -34.22 -58.21 7.18
CA ASP E 122 -35.30 -58.94 6.51
C ASP E 122 -36.17 -58.00 5.68
N GLU E 123 -36.20 -56.71 6.04
CA GLU E 123 -37.02 -55.76 5.28
C GLU E 123 -36.39 -55.47 3.92
N GLN E 124 -35.06 -55.43 3.86
CA GLN E 124 -34.36 -55.18 2.59
C GLN E 124 -34.39 -56.39 1.68
N LEU E 125 -34.37 -57.60 2.24
CA LEU E 125 -34.40 -58.81 1.43
C LEU E 125 -35.74 -58.95 0.70
N LYS E 126 -36.81 -58.37 1.26
CA LYS E 126 -38.09 -58.35 0.58
C LYS E 126 -38.06 -57.49 -0.68
N SER E 127 -37.09 -56.60 -0.81
CA SER E 127 -36.98 -55.71 -1.97
C SER E 127 -36.14 -56.30 -3.09
N GLY E 128 -35.48 -57.44 -2.86
CA GLY E 128 -34.66 -58.07 -3.88
C GLY E 128 -33.21 -57.65 -3.90
N THR E 129 -32.72 -57.00 -2.84
CA THR E 129 -31.34 -56.55 -2.77
C THR E 129 -30.82 -56.77 -1.36
N ALA E 130 -29.57 -57.22 -1.24
CA ALA E 130 -28.93 -57.49 0.05
C ALA E 130 -27.70 -56.63 0.18
N SER E 131 -27.63 -55.84 1.25
CA SER E 131 -26.49 -54.99 1.54
C SER E 131 -25.87 -55.43 2.85
N VAL E 132 -24.64 -55.95 2.79
CA VAL E 132 -23.88 -56.36 3.96
C VAL E 132 -22.95 -55.22 4.34
N VAL E 133 -22.92 -54.86 5.62
CA VAL E 133 -22.19 -53.69 6.08
C VAL E 133 -21.10 -54.14 7.04
N CYS E 134 -19.87 -53.66 6.81
CA CYS E 134 -18.73 -53.91 7.67
C CYS E 134 -18.25 -52.59 8.26
N LEU E 135 -18.16 -52.53 9.58
CA LEU E 135 -17.84 -51.31 10.31
C LEU E 135 -16.45 -51.40 10.92
N LEU E 136 -15.66 -50.34 10.77
CA LEU E 136 -14.36 -50.20 11.41
C LEU E 136 -14.42 -48.93 12.24
N ASN E 137 -14.48 -49.07 13.57
CA ASN E 137 -14.83 -47.98 14.46
C ASN E 137 -13.60 -47.48 15.22
N ASN E 138 -13.36 -46.17 15.13
CA ASN E 138 -12.35 -45.47 15.93
C ASN E 138 -10.97 -46.09 15.81
N PHE E 139 -10.26 -45.78 14.72
CA PHE E 139 -8.91 -46.30 14.51
C PHE E 139 -8.00 -45.19 14.02
N TYR E 140 -6.70 -45.46 14.07
CA TYR E 140 -5.68 -44.54 13.59
C TYR E 140 -4.43 -45.33 13.27
N PRO E 141 -3.74 -45.05 12.16
CA PRO E 141 -4.06 -44.04 11.14
C PRO E 141 -5.19 -44.46 10.20
N ARG E 142 -5.39 -43.69 9.12
CA ARG E 142 -6.51 -43.93 8.23
C ARG E 142 -6.31 -45.12 7.30
N GLU E 143 -5.08 -45.58 7.12
CA GLU E 143 -4.80 -46.66 6.16
C GLU E 143 -5.39 -47.97 6.69
N ALA E 144 -6.48 -48.41 6.07
CA ALA E 144 -7.13 -49.66 6.44
C ALA E 144 -7.59 -50.38 5.18
N LYS E 145 -7.62 -51.70 5.25
CA LYS E 145 -7.98 -52.55 4.12
C LYS E 145 -9.14 -53.45 4.52
N VAL E 146 -10.21 -53.42 3.74
CA VAL E 146 -11.41 -54.21 4.00
C VAL E 146 -11.60 -55.16 2.83
N GLN E 147 -11.48 -56.46 3.10
CA GLN E 147 -11.61 -57.50 2.10
C GLN E 147 -12.87 -58.30 2.37
N TRP E 148 -13.79 -58.34 1.40
CA TRP E 148 -15.02 -59.09 1.54
C TRP E 148 -14.82 -60.53 1.09
N LYS E 149 -15.24 -61.48 1.94
CA LYS E 149 -15.16 -62.91 1.64
C LYS E 149 -16.55 -63.52 1.71
N VAL E 150 -16.96 -64.18 0.63
CA VAL E 150 -18.23 -64.88 0.55
C VAL E 150 -17.92 -66.33 0.21
N ASP E 151 -18.12 -67.23 1.18
CA ASP E 151 -17.71 -68.63 1.05
C ASP E 151 -16.22 -68.73 0.70
N ASN E 152 -15.42 -67.93 1.40
CA ASN E 152 -13.97 -67.86 1.22
C ASN E 152 -13.55 -67.33 -0.15
N ALA E 153 -14.47 -66.70 -0.88
CA ALA E 153 -14.17 -66.11 -2.18
C ALA E 153 -14.00 -64.61 -2.01
N LEU E 154 -12.82 -64.10 -2.37
CA LEU E 154 -12.55 -62.67 -2.24
C LEU E 154 -13.40 -61.89 -3.24
N GLN E 155 -14.20 -60.96 -2.73
CA GLN E 155 -15.12 -60.19 -3.55
C GLN E 155 -14.50 -58.82 -3.86
N SER E 156 -14.36 -58.53 -5.15
CA SER E 156 -13.92 -57.20 -5.59
C SER E 156 -14.74 -56.81 -6.81
N GLY E 157 -15.29 -55.61 -6.79
CA GLY E 157 -16.14 -55.13 -7.86
C GLY E 157 -17.61 -55.02 -7.50
N ASN E 158 -17.95 -55.08 -6.22
CA ASN E 158 -19.34 -54.94 -5.79
C ASN E 158 -19.40 -54.42 -4.36
N SER E 159 -18.40 -53.63 -3.96
CA SER E 159 -18.35 -53.10 -2.61
C SER E 159 -17.80 -51.68 -2.65
N GLN E 160 -18.45 -50.78 -1.92
CA GLN E 160 -17.98 -49.41 -1.74
C GLN E 160 -17.79 -49.13 -0.26
N GLU E 161 -16.97 -48.14 0.04
CA GLU E 161 -16.66 -47.80 1.42
C GLU E 161 -16.55 -46.29 1.58
N SER E 162 -16.67 -45.84 2.82
CA SER E 162 -16.63 -44.42 3.14
C SER E 162 -15.96 -44.23 4.50
N VAL E 163 -15.25 -43.11 4.64
CA VAL E 163 -14.48 -42.81 5.85
C VAL E 163 -14.89 -41.46 6.39
N THR E 164 -15.07 -41.37 7.71
CA THR E 164 -15.36 -40.10 8.35
C THR E 164 -14.09 -39.27 8.47
N GLU E 165 -14.27 -37.98 8.77
CA GLU E 165 -13.14 -37.13 9.10
C GLU E 165 -12.62 -37.47 10.49
N GLN E 166 -11.45 -36.94 10.81
CA GLN E 166 -10.85 -37.16 12.12
C GLN E 166 -11.79 -36.64 13.22
N ASP E 167 -12.04 -37.48 14.21
CA ASP E 167 -12.93 -37.09 15.30
C ASP E 167 -12.37 -35.90 16.05
N SER E 168 -13.24 -34.95 16.37
CA SER E 168 -12.80 -33.73 17.04
C SER E 168 -12.27 -34.00 18.45
N LYS E 169 -12.57 -35.17 19.02
CA LYS E 169 -12.16 -35.50 20.37
C LYS E 169 -10.93 -36.40 20.41
N ASP E 170 -11.03 -37.60 19.82
CA ASP E 170 -9.97 -38.61 19.91
C ASP E 170 -9.13 -38.72 18.65
N SER E 171 -9.42 -37.92 17.61
CA SER E 171 -8.63 -37.89 16.38
C SER E 171 -8.58 -39.25 15.69
N THR E 172 -9.65 -40.02 15.78
CA THR E 172 -9.74 -41.32 15.12
C THR E 172 -10.64 -41.25 13.90
N TYR E 173 -10.45 -42.21 13.00
CA TYR E 173 -11.31 -42.38 11.84
C TYR E 173 -12.25 -43.56 12.06
N SER E 174 -13.30 -43.59 11.24
CA SER E 174 -14.20 -44.72 11.18
C SER E 174 -14.52 -45.01 9.73
N LEU E 175 -14.68 -46.30 9.40
CA LEU E 175 -14.89 -46.73 8.03
C LEU E 175 -16.12 -47.61 7.96
N SER E 176 -16.88 -47.47 6.87
CA SER E 176 -18.06 -48.28 6.61
C SER E 176 -17.96 -48.84 5.21
N SER E 177 -17.95 -50.16 5.09
CA SER E 177 -17.91 -50.85 3.80
C SER E 177 -19.24 -51.56 3.57
N THR E 178 -19.77 -51.44 2.36
CA THR E 178 -21.07 -52.02 2.01
C THR E 178 -20.89 -52.97 0.83
N LEU E 179 -21.15 -54.25 1.06
CA LEU E 179 -21.13 -55.26 0.00
C LEU E 179 -22.54 -55.42 -0.52
N THR E 180 -22.78 -54.92 -1.74
CA THR E 180 -24.12 -54.89 -2.30
C THR E 180 -24.30 -56.10 -3.22
N LEU E 181 -25.18 -57.01 -2.80
CA LEU E 181 -25.62 -58.13 -3.61
C LEU E 181 -27.13 -58.06 -3.76
N SER E 182 -27.65 -58.95 -4.59
CA SER E 182 -29.08 -59.13 -4.74
C SER E 182 -29.53 -60.35 -3.95
N LYS E 183 -30.85 -60.52 -3.86
CA LYS E 183 -31.41 -61.53 -2.97
C LYS E 183 -30.97 -62.94 -3.38
N ALA E 184 -31.06 -63.27 -4.66
CA ALA E 184 -30.72 -64.62 -5.10
C ALA E 184 -29.23 -64.90 -4.94
N ASP E 185 -28.38 -63.96 -5.37
CA ASP E 185 -26.94 -64.12 -5.15
C ASP E 185 -26.60 -64.20 -3.67
N TYR E 186 -27.38 -63.52 -2.83
CA TYR E 186 -27.16 -63.58 -1.39
C TYR E 186 -27.56 -64.93 -0.81
N GLU E 187 -28.55 -65.59 -1.42
CA GLU E 187 -29.04 -66.86 -0.93
C GLU E 187 -28.35 -68.07 -1.57
N LYS E 188 -27.43 -67.86 -2.51
CA LYS E 188 -26.67 -68.98 -3.05
C LYS E 188 -25.46 -69.34 -2.20
N HIS E 189 -25.17 -68.57 -1.16
CA HIS E 189 -23.96 -68.76 -0.36
C HIS E 189 -24.33 -68.76 1.12
N LYS E 190 -23.34 -68.98 1.98
CA LYS E 190 -23.61 -69.19 3.40
C LYS E 190 -22.76 -68.28 4.28
N VAL E 191 -21.45 -68.30 4.09
CA VAL E 191 -20.52 -67.56 4.96
C VAL E 191 -20.25 -66.19 4.36
N TYR E 192 -20.45 -65.14 5.15
CA TYR E 192 -20.18 -63.77 4.75
C TYR E 192 -19.27 -63.12 5.78
N ALA E 193 -18.10 -62.67 5.35
CA ALA E 193 -17.08 -62.14 6.24
C ALA E 193 -16.36 -60.98 5.59
N CYS E 194 -15.87 -60.06 6.42
CA CYS E 194 -14.97 -59.00 5.99
C CYS E 194 -13.68 -59.10 6.81
N GLU E 195 -12.55 -59.20 6.13
CA GLU E 195 -11.24 -59.31 6.76
C GLU E 195 -10.61 -57.93 6.82
N VAL E 196 -10.26 -57.48 8.02
CA VAL E 196 -9.71 -56.15 8.25
C VAL E 196 -8.23 -56.30 8.59
N THR E 197 -7.38 -55.60 7.85
CA THR E 197 -5.96 -55.51 8.15
C THR E 197 -5.64 -54.06 8.50
N HIS E 198 -4.96 -53.85 9.63
CA HIS E 198 -4.62 -52.52 10.09
C HIS E 198 -3.33 -52.60 10.89
N GLN E 199 -2.64 -51.45 11.00
CA GLN E 199 -1.36 -51.41 11.69
C GLN E 199 -1.52 -51.79 13.16
N GLY E 200 -2.63 -51.43 13.79
CA GLY E 200 -2.88 -51.77 15.17
C GLY E 200 -3.27 -53.20 15.44
N LEU E 201 -3.34 -54.04 14.41
CA LEU E 201 -3.69 -55.46 14.56
C LEU E 201 -2.45 -56.31 14.31
N SER E 202 -2.20 -57.26 15.22
CA SER E 202 -1.09 -58.19 15.03
C SER E 202 -1.35 -59.15 13.87
N SER E 203 -2.61 -59.36 13.50
CA SER E 203 -2.96 -60.21 12.38
C SER E 203 -4.31 -59.76 11.87
N PRO E 204 -4.62 -60.04 10.60
CA PRO E 204 -5.94 -59.64 10.06
C PRO E 204 -7.08 -60.27 10.85
N VAL E 205 -7.93 -59.42 11.41
CA VAL E 205 -9.09 -59.85 12.16
C VAL E 205 -10.28 -59.95 11.20
N THR E 206 -11.15 -60.92 11.43
CA THR E 206 -12.27 -61.20 10.54
C THR E 206 -13.55 -61.29 11.36
N LYS E 207 -14.59 -60.59 10.93
CA LYS E 207 -15.94 -60.73 11.48
C LYS E 207 -16.83 -61.39 10.44
N SER E 208 -17.53 -62.45 10.85
CA SER E 208 -18.29 -63.28 9.92
C SER E 208 -19.65 -63.63 10.51
N PHE E 209 -20.58 -63.94 9.62
CA PHE E 209 -21.89 -64.45 9.99
C PHE E 209 -22.34 -65.45 8.92
N ASN E 210 -23.22 -66.37 9.32
CA ASN E 210 -23.76 -67.39 8.43
C ASN E 210 -25.22 -67.06 8.13
N ARG E 211 -25.57 -67.05 6.84
CA ARG E 211 -26.92 -66.68 6.43
C ARG E 211 -27.94 -67.68 6.95
N GLY E 212 -29.03 -67.16 7.52
CA GLY E 212 -30.07 -67.97 8.10
C GLY E 212 -29.90 -68.25 9.58
N GLU E 213 -28.68 -68.20 10.10
CA GLU E 213 -28.44 -68.47 11.51
C GLU E 213 -28.40 -67.15 12.29
N CYS E 214 -29.00 -67.17 13.48
CA CYS E 214 -29.10 -65.96 14.30
C CYS E 214 -27.73 -65.46 14.74
#